data_4HX2
#
_entry.id   4HX2
#
_cell.length_a   183.969
_cell.length_b   83.624
_cell.length_c   77.617
_cell.angle_alpha   90.00
_cell.angle_beta   110.78
_cell.angle_gamma   90.00
#
_symmetry.space_group_name_H-M   'C 1 2 1'
#
loop_
_entity.id
_entity.type
_entity.pdbx_description
1 polymer KerA
2 polymer 'Neutral proteinase inhibitor ScNPI'
3 non-polymer 'CALCIUM ION'
4 non-polymer 'ZINC ION'
5 non-polymer 'CHLORIDE ION'
6 non-polymer "(2R,2'R)-3,3'-oxydipropane-1,2-diol"
7 non-polymer 'PHOSPHATE ION'
8 non-polymer GLYCEROL
9 non-polymer 'ISOPROPYL ALCOHOL'
10 non-polymer 'POTASSIUM ION'
11 non-polymer 'CACODYLATE ION'
12 non-polymer 'ACETATE ION'
13 water water
#
loop_
_entity_poly.entity_id
_entity_poly.type
_entity_poly.pdbx_seq_one_letter_code
_entity_poly.pdbx_strand_id
1 'polypeptide(L)'
;AQTVPYGIPLIKADKVQAQGFKGANVKVAVLDTGIQASHPDLNVVGGASFVAGEAYNTDGNGHGTHVAGTVAALDNTTGV
LGVAPSVSLYAVKVLNSSGSGSYSGIVSGIEWATTNGMDVINMSLGGASGSTAMKQAVDNAYARGVVVVAAAGNSGSSGN
TNTIGYPAKYDSVIAVGAVDSNSNRASFSSVGAELEVMAPGAGVYSTYPTNTYATLNGTSMASPHVAGAAALILSKHPNL
SASQVRNRLSSTATYLGSSFYYGKGLINVEAAAQ
;
A,C
2 'polypeptide(L)'
;GSAHGPSAMVFTVIQGSGEPTDTVLRATTLSCAYTAEGTHPAPRAACDALNATDGELNRLLAAPDPSLVCPMYFDPVTVT
ADGVLNGRRVAWKHTFSNTCVMSANLNSNPVYAF
;
B,D
#
# COMPACT_ATOMS: atom_id res chain seq x y z
N ALA A 1 -46.86 2.12 -20.15
CA ALA A 1 -45.77 1.93 -19.22
C ALA A 1 -44.43 1.70 -19.96
N GLN A 2 -44.26 2.26 -21.17
CA GLN A 2 -43.00 2.10 -21.91
C GLN A 2 -42.01 3.22 -21.57
N THR A 3 -40.78 2.81 -21.24
CA THR A 3 -39.62 3.63 -20.87
C THR A 3 -38.61 3.65 -22.03
N VAL A 4 -38.12 4.84 -22.40
CA VAL A 4 -37.12 4.98 -23.46
C VAL A 4 -35.76 5.11 -22.80
N PRO A 5 -34.87 4.09 -22.93
CA PRO A 5 -33.51 4.21 -22.35
C PRO A 5 -32.75 5.41 -22.97
N TYR A 6 -31.90 6.13 -22.18
CA TYR A 6 -31.21 7.35 -22.64
C TYR A 6 -30.47 7.15 -23.98
N GLY A 7 -29.96 5.94 -24.22
CA GLY A 7 -29.22 5.60 -25.43
C GLY A 7 -29.95 5.78 -26.74
N ILE A 8 -31.29 5.56 -26.76
CA ILE A 8 -32.08 5.67 -28.00
C ILE A 8 -32.05 7.17 -28.47
N PRO A 9 -32.37 8.22 -27.66
CA PRO A 9 -32.22 9.59 -28.18
C PRO A 9 -30.75 10.05 -28.32
N LEU A 10 -29.81 9.53 -27.49
CA LEU A 10 -28.41 9.93 -27.57
C LEU A 10 -27.80 9.63 -28.96
N ILE A 11 -28.06 8.42 -29.53
CA ILE A 11 -27.54 8.04 -30.84
C ILE A 11 -28.45 8.56 -31.98
N LYS A 12 -29.59 9.20 -31.59
CA LYS A 12 -30.61 9.83 -32.42
C LYS A 12 -31.42 8.77 -33.16
N ALA A 13 -31.60 7.60 -32.52
CA ALA A 13 -32.39 6.49 -33.06
C ALA A 13 -33.87 6.86 -33.12
N ASP A 14 -34.33 7.75 -32.20
CA ASP A 14 -35.73 8.22 -32.11
C ASP A 14 -36.11 9.05 -33.33
N LYS A 15 -35.16 9.79 -33.90
CA LYS A 15 -35.34 10.62 -35.10
C LYS A 15 -35.53 9.73 -36.31
N VAL A 16 -34.75 8.64 -36.44
CA VAL A 16 -34.86 7.70 -37.58
C VAL A 16 -36.21 6.93 -37.47
N GLN A 17 -36.58 6.50 -36.25
CA GLN A 17 -37.85 5.83 -35.99
C GLN A 17 -39.03 6.77 -36.31
N ALA A 18 -38.88 8.09 -36.04
CA ALA A 18 -39.89 9.12 -36.35
C ALA A 18 -40.11 9.26 -37.87
N GLN A 19 -39.09 8.89 -38.70
CA GLN A 19 -39.18 8.92 -40.16
C GLN A 19 -39.98 7.70 -40.68
N GLY A 20 -40.16 6.70 -39.81
CA GLY A 20 -40.86 5.46 -40.14
C GLY A 20 -39.97 4.27 -40.42
N PHE A 21 -38.66 4.40 -40.14
CA PHE A 21 -37.63 3.36 -40.33
C PHE A 21 -37.22 2.83 -38.97
N LYS A 22 -37.60 1.56 -38.72
CA LYS A 22 -37.48 0.88 -37.44
C LYS A 22 -36.76 -0.48 -37.53
N GLY A 23 -36.13 -0.79 -38.66
CA GLY A 23 -35.44 -2.06 -38.82
C GLY A 23 -36.26 -3.18 -39.46
N ALA A 24 -37.50 -2.90 -39.90
CA ALA A 24 -38.38 -3.91 -40.52
C ALA A 24 -37.68 -4.62 -41.66
N ASN A 25 -37.77 -5.96 -41.66
CA ASN A 25 -37.21 -6.87 -42.67
C ASN A 25 -35.69 -7.03 -42.61
N VAL A 26 -35.04 -6.44 -41.61
CA VAL A 26 -33.59 -6.57 -41.41
C VAL A 26 -33.35 -7.67 -40.37
N LYS A 27 -32.48 -8.65 -40.71
CA LYS A 27 -32.14 -9.81 -39.88
C LYS A 27 -30.90 -9.53 -39.06
N VAL A 28 -31.07 -9.52 -37.72
CA VAL A 28 -29.99 -9.26 -36.77
C VAL A 28 -29.80 -10.49 -35.89
N ALA A 29 -28.57 -11.05 -35.90
CA ALA A 29 -28.22 -12.19 -35.07
C ALA A 29 -27.49 -11.70 -33.83
N VAL A 30 -28.02 -12.05 -32.65
CA VAL A 30 -27.38 -11.71 -31.38
C VAL A 30 -26.65 -12.98 -30.91
N LEU A 31 -25.32 -13.02 -31.04
CA LEU A 31 -24.44 -14.13 -30.68
C LEU A 31 -24.11 -13.97 -29.20
N ASP A 32 -24.83 -14.72 -28.34
CA ASP A 32 -24.67 -14.47 -26.92
C ASP A 32 -25.11 -15.67 -26.08
N THR A 33 -25.61 -15.41 -24.85
CA THR A 33 -26.11 -16.42 -23.89
C THR A 33 -27.55 -16.86 -24.22
N GLY A 34 -28.03 -16.58 -25.44
CA GLY A 34 -29.39 -16.87 -25.88
C GLY A 34 -30.28 -15.66 -25.62
N ILE A 35 -31.59 -15.79 -25.82
CA ILE A 35 -32.55 -14.68 -25.56
C ILE A 35 -33.80 -15.28 -24.91
N GLN A 36 -34.35 -14.66 -23.84
CA GLN A 36 -35.62 -15.14 -23.29
C GLN A 36 -36.73 -14.74 -24.29
N ALA A 37 -37.00 -15.63 -25.25
CA ALA A 37 -37.97 -15.42 -26.32
C ALA A 37 -39.39 -15.19 -25.80
N SER A 38 -39.73 -15.76 -24.60
CA SER A 38 -41.04 -15.59 -23.98
C SER A 38 -41.20 -14.21 -23.30
N HIS A 39 -40.16 -13.34 -23.37
CA HIS A 39 -40.22 -11.99 -22.80
C HIS A 39 -41.26 -11.17 -23.58
N PRO A 40 -42.25 -10.55 -22.91
CA PRO A 40 -43.30 -9.81 -23.65
C PRO A 40 -42.78 -8.65 -24.51
N ASP A 41 -41.60 -8.07 -24.18
CA ASP A 41 -41.03 -6.94 -24.93
C ASP A 41 -40.01 -7.37 -26.00
N LEU A 42 -39.93 -8.67 -26.31
CA LEU A 42 -38.98 -9.17 -27.33
C LEU A 42 -39.67 -10.12 -28.30
N ASN A 43 -39.28 -10.14 -29.57
CA ASN A 43 -39.86 -11.09 -30.52
C ASN A 43 -38.72 -11.80 -31.26
N VAL A 44 -38.41 -13.03 -30.82
CA VAL A 44 -37.32 -13.85 -31.37
C VAL A 44 -37.94 -14.69 -32.44
N VAL A 45 -37.49 -14.54 -33.70
CA VAL A 45 -38.14 -15.28 -34.80
C VAL A 45 -37.31 -16.51 -35.28
N GLY A 46 -36.16 -16.74 -34.67
CA GLY A 46 -35.32 -17.86 -35.04
C GLY A 46 -33.98 -17.83 -34.33
N GLY A 47 -33.08 -18.68 -34.80
CA GLY A 47 -31.74 -18.78 -34.26
C GLY A 47 -31.22 -20.20 -34.22
N ALA A 48 -30.15 -20.41 -33.44
CA ALA A 48 -29.50 -21.70 -33.29
C ALA A 48 -28.77 -21.74 -31.97
N SER A 49 -28.52 -22.93 -31.46
CA SER A 49 -27.78 -23.07 -30.20
C SER A 49 -26.55 -23.88 -30.45
N PHE A 50 -25.40 -23.44 -29.90
CA PHE A 50 -24.13 -24.16 -30.00
C PHE A 50 -23.59 -24.40 -28.59
N VAL A 51 -24.56 -24.57 -27.67
CA VAL A 51 -24.38 -24.82 -26.25
C VAL A 51 -25.21 -26.05 -25.87
N ALA A 52 -24.48 -27.02 -25.27
CA ALA A 52 -24.83 -28.30 -24.67
C ALA A 52 -26.34 -28.68 -24.68
N GLY A 53 -27.01 -28.43 -23.56
CA GLY A 53 -28.41 -28.78 -23.35
C GLY A 53 -29.36 -27.62 -23.23
N GLU A 54 -29.03 -26.51 -23.91
CA GLU A 54 -29.82 -25.29 -23.91
C GLU A 54 -30.43 -25.00 -25.28
N ALA A 55 -31.71 -24.59 -25.30
CA ALA A 55 -32.40 -24.18 -26.51
C ALA A 55 -31.96 -22.75 -26.86
N TYR A 56 -32.03 -22.35 -28.14
CA TYR A 56 -31.59 -21.00 -28.55
C TYR A 56 -32.48 -19.90 -27.94
N ASN A 57 -33.79 -20.20 -27.73
CA ASN A 57 -34.82 -19.24 -27.30
C ASN A 57 -34.99 -19.15 -25.76
N THR A 58 -33.94 -19.51 -25.02
CA THR A 58 -33.91 -19.38 -23.56
C THR A 58 -32.60 -18.71 -23.22
N ASP A 59 -32.54 -18.03 -22.07
CA ASP A 59 -31.35 -17.36 -21.57
C ASP A 59 -31.27 -17.57 -20.06
N GLY A 60 -30.46 -18.51 -19.64
CA GLY A 60 -30.21 -18.79 -18.22
C GLY A 60 -29.21 -17.85 -17.59
N ASN A 61 -28.67 -16.88 -18.36
CA ASN A 61 -27.72 -15.93 -17.82
C ASN A 61 -28.37 -14.54 -17.63
N GLY A 62 -28.88 -14.00 -18.72
CA GLY A 62 -29.48 -12.67 -18.73
C GLY A 62 -28.82 -11.69 -19.65
N HIS A 63 -27.51 -11.87 -19.91
CA HIS A 63 -26.70 -10.99 -20.75
C HIS A 63 -27.27 -10.87 -22.17
N GLY A 64 -27.57 -12.00 -22.81
CA GLY A 64 -28.12 -12.06 -24.16
C GLY A 64 -29.46 -11.37 -24.32
N THR A 65 -30.36 -11.53 -23.32
CA THR A 65 -31.68 -10.86 -23.31
C THR A 65 -31.49 -9.33 -23.21
N HIS A 66 -30.55 -8.87 -22.38
CA HIS A 66 -30.26 -7.45 -22.19
C HIS A 66 -29.75 -6.83 -23.49
N VAL A 67 -28.75 -7.47 -24.13
CA VAL A 67 -28.14 -7.06 -25.39
C VAL A 67 -29.22 -7.00 -26.49
N ALA A 68 -30.06 -8.05 -26.59
CA ALA A 68 -31.16 -8.14 -27.58
C ALA A 68 -32.18 -7.01 -27.43
N GLY A 69 -32.50 -6.64 -26.19
CA GLY A 69 -33.46 -5.58 -25.92
C GLY A 69 -32.96 -4.20 -26.31
N THR A 70 -31.64 -4.01 -26.34
CA THR A 70 -31.04 -2.75 -26.77
C THR A 70 -31.19 -2.64 -28.30
N VAL A 71 -30.96 -3.74 -29.02
CA VAL A 71 -31.17 -3.81 -30.46
C VAL A 71 -32.65 -3.68 -30.82
N ALA A 72 -33.49 -4.55 -30.20
CA ALA A 72 -34.84 -4.87 -30.63
C ALA A 72 -36.04 -4.81 -29.64
N ALA A 73 -35.92 -4.26 -28.42
CA ALA A 73 -37.11 -4.27 -27.55
C ALA A 73 -38.27 -3.57 -28.27
N LEU A 74 -39.47 -4.21 -28.25
CA LEU A 74 -40.65 -3.85 -29.02
C LEU A 74 -41.25 -2.47 -28.69
N ASP A 75 -41.71 -1.76 -29.74
CA ASP A 75 -42.37 -0.45 -29.63
C ASP A 75 -43.83 -0.70 -29.26
N ASN A 76 -44.14 -0.67 -27.95
CA ASN A 76 -45.49 -0.96 -27.45
C ASN A 76 -45.78 -0.10 -26.21
N THR A 77 -46.54 -0.60 -25.24
CA THR A 77 -46.89 0.16 -24.04
C THR A 77 -46.28 -0.51 -22.78
N THR A 78 -45.25 -1.33 -22.97
CA THR A 78 -44.57 -1.99 -21.86
C THR A 78 -43.04 -1.93 -22.02
N GLY A 79 -42.35 -2.16 -20.90
CA GLY A 79 -40.90 -2.21 -20.81
C GLY A 79 -40.09 -1.09 -21.37
N VAL A 80 -39.18 -1.44 -22.31
CA VAL A 80 -38.25 -0.49 -22.91
C VAL A 80 -38.46 -0.36 -24.45
N LEU A 81 -37.51 0.27 -25.17
CA LEU A 81 -37.59 0.46 -26.61
C LEU A 81 -36.22 0.23 -27.20
N GLY A 82 -36.13 -0.64 -28.20
CA GLY A 82 -34.86 -0.92 -28.85
C GLY A 82 -34.52 0.13 -29.88
N VAL A 83 -33.27 0.15 -30.35
CA VAL A 83 -32.79 1.07 -31.39
C VAL A 83 -33.56 0.80 -32.70
N ALA A 84 -33.74 -0.50 -33.04
CA ALA A 84 -34.41 -1.00 -34.22
C ALA A 84 -35.56 -1.97 -33.79
N PRO A 85 -36.70 -1.45 -33.27
CA PRO A 85 -37.73 -2.36 -32.71
C PRO A 85 -38.46 -3.30 -33.67
N SER A 86 -38.39 -3.07 -35.00
CA SER A 86 -39.08 -3.91 -35.97
C SER A 86 -38.16 -4.94 -36.63
N VAL A 87 -36.91 -5.12 -36.14
CA VAL A 87 -35.99 -6.11 -36.74
C VAL A 87 -36.48 -7.53 -36.55
N SER A 88 -36.02 -8.41 -37.48
CA SER A 88 -36.20 -9.86 -37.40
C SER A 88 -35.02 -10.32 -36.50
N LEU A 89 -35.33 -10.60 -35.22
CA LEU A 89 -34.37 -10.94 -34.17
C LEU A 89 -34.09 -12.45 -34.12
N TYR A 90 -32.79 -12.81 -34.14
CA TYR A 90 -32.31 -14.21 -34.11
C TYR A 90 -31.36 -14.41 -32.95
N ALA A 91 -31.64 -15.45 -32.13
CA ALA A 91 -30.85 -15.81 -30.95
C ALA A 91 -29.85 -16.86 -31.32
N VAL A 92 -28.55 -16.52 -31.33
CA VAL A 92 -27.51 -17.51 -31.68
C VAL A 92 -26.72 -17.78 -30.41
N LYS A 93 -27.14 -18.81 -29.65
CA LYS A 93 -26.50 -19.15 -28.38
C LYS A 93 -25.09 -19.77 -28.57
N VAL A 94 -24.05 -18.96 -28.26
CA VAL A 94 -22.63 -19.30 -28.37
C VAL A 94 -21.93 -19.29 -26.96
N LEU A 95 -22.59 -18.69 -25.96
CA LEU A 95 -22.11 -18.62 -24.56
C LEU A 95 -23.07 -19.40 -23.67
N ASN A 96 -22.55 -20.06 -22.63
CA ASN A 96 -23.37 -20.85 -21.73
C ASN A 96 -23.94 -19.95 -20.61
N SER A 97 -24.74 -20.53 -19.69
CA SER A 97 -25.39 -19.89 -18.54
C SER A 97 -24.43 -19.05 -17.69
N SER A 98 -23.15 -19.43 -17.63
CA SER A 98 -22.15 -18.70 -16.85
C SER A 98 -21.49 -17.61 -17.69
N GLY A 99 -21.87 -17.49 -18.97
CA GLY A 99 -21.33 -16.48 -19.87
C GLY A 99 -20.12 -16.91 -20.66
N SER A 100 -19.57 -18.07 -20.34
CA SER A 100 -18.38 -18.55 -21.02
C SER A 100 -18.71 -19.18 -22.38
N GLY A 101 -17.82 -18.94 -23.35
CA GLY A 101 -17.90 -19.51 -24.68
C GLY A 101 -16.52 -19.86 -25.20
N SER A 102 -16.44 -20.79 -26.13
CA SER A 102 -15.20 -21.20 -26.79
C SER A 102 -15.12 -20.54 -28.16
N TYR A 103 -13.91 -20.41 -28.69
CA TYR A 103 -13.65 -19.84 -30.02
C TYR A 103 -14.40 -20.64 -31.10
N SER A 104 -14.37 -21.98 -31.00
CA SER A 104 -15.06 -22.85 -31.94
C SER A 104 -16.59 -22.60 -31.91
N GLY A 105 -17.14 -22.34 -30.73
CA GLY A 105 -18.54 -22.03 -30.52
C GLY A 105 -18.92 -20.73 -31.19
N ILE A 106 -18.03 -19.71 -31.07
CA ILE A 106 -18.26 -18.40 -31.70
C ILE A 106 -18.19 -18.56 -33.21
N VAL A 107 -17.20 -19.32 -33.72
CA VAL A 107 -17.03 -19.60 -35.15
C VAL A 107 -18.32 -20.25 -35.68
N SER A 108 -18.86 -21.26 -34.98
CA SER A 108 -20.09 -21.96 -35.37
C SER A 108 -21.29 -21.00 -35.49
N GLY A 109 -21.37 -20.04 -34.58
CA GLY A 109 -22.41 -19.02 -34.55
C GLY A 109 -22.32 -18.02 -35.68
N ILE A 110 -21.09 -17.56 -36.01
CA ILE A 110 -20.82 -16.60 -37.10
C ILE A 110 -21.15 -17.27 -38.42
N GLU A 111 -20.74 -18.55 -38.62
CA GLU A 111 -21.00 -19.31 -39.85
C GLU A 111 -22.49 -19.54 -40.03
N TRP A 112 -23.22 -19.82 -38.93
CA TRP A 112 -24.68 -20.00 -38.95
C TRP A 112 -25.33 -18.72 -39.48
N ALA A 113 -24.94 -17.56 -38.89
CA ALA A 113 -25.43 -16.24 -39.26
C ALA A 113 -25.18 -15.93 -40.75
N THR A 114 -23.97 -16.25 -41.28
CA THR A 114 -23.61 -16.04 -42.67
C THR A 114 -24.47 -16.93 -43.60
N THR A 115 -24.63 -18.22 -43.29
CA THR A 115 -25.40 -19.16 -44.11
C THR A 115 -26.91 -18.84 -44.07
N ASN A 116 -27.43 -18.30 -42.95
CA ASN A 116 -28.86 -18.03 -42.76
C ASN A 116 -29.29 -16.60 -43.15
N GLY A 117 -28.48 -15.90 -43.93
CA GLY A 117 -28.80 -14.59 -44.49
C GLY A 117 -28.95 -13.44 -43.51
N MET A 118 -28.15 -13.43 -42.43
CA MET A 118 -28.23 -12.33 -41.47
C MET A 118 -27.63 -11.06 -42.08
N ASP A 119 -28.23 -9.93 -41.79
CA ASP A 119 -27.72 -8.64 -42.27
C ASP A 119 -26.72 -8.06 -41.33
N VAL A 120 -26.87 -8.33 -40.04
CA VAL A 120 -26.06 -7.78 -38.96
C VAL A 120 -25.79 -8.87 -37.93
N ILE A 121 -24.52 -8.96 -37.51
CA ILE A 121 -24.04 -9.83 -36.44
C ILE A 121 -23.67 -8.92 -35.28
N ASN A 122 -24.19 -9.21 -34.07
CA ASN A 122 -23.76 -8.51 -32.86
C ASN A 122 -23.00 -9.49 -31.98
N MET A 123 -21.77 -9.12 -31.55
CA MET A 123 -20.96 -9.95 -30.65
C MET A 123 -20.49 -9.17 -29.41
N SER A 124 -21.32 -9.15 -28.35
CA SER A 124 -21.05 -8.49 -27.07
C SER A 124 -20.18 -9.42 -26.19
N LEU A 125 -19.02 -9.79 -26.73
CA LEU A 125 -18.12 -10.75 -26.15
C LEU A 125 -16.69 -10.52 -26.63
N GLY A 126 -15.73 -11.09 -25.91
CA GLY A 126 -14.33 -10.94 -26.28
C GLY A 126 -13.38 -11.91 -25.64
N GLY A 127 -12.30 -12.17 -26.36
CA GLY A 127 -11.19 -13.06 -25.99
C GLY A 127 -9.92 -12.27 -26.17
N ALA A 128 -8.84 -12.73 -25.54
CA ALA A 128 -7.64 -11.93 -25.62
C ALA A 128 -6.84 -12.13 -26.89
N SER A 129 -6.80 -13.33 -27.46
CA SER A 129 -5.90 -13.46 -28.59
C SER A 129 -6.52 -13.74 -29.98
N GLY A 130 -7.76 -14.22 -30.04
CA GLY A 130 -8.33 -14.59 -31.34
C GLY A 130 -7.72 -15.87 -31.91
N SER A 131 -8.10 -16.23 -33.16
CA SER A 131 -7.63 -17.44 -33.86
C SER A 131 -7.81 -17.35 -35.37
N THR A 132 -7.10 -18.22 -36.12
CA THR A 132 -7.19 -18.24 -37.58
C THR A 132 -8.61 -18.58 -38.02
N ALA A 133 -9.30 -19.50 -37.29
CA ALA A 133 -10.69 -19.88 -37.57
C ALA A 133 -11.64 -18.71 -37.33
N MET A 134 -11.39 -17.93 -36.28
CA MET A 134 -12.21 -16.77 -35.92
C MET A 134 -12.03 -15.64 -36.91
N LYS A 135 -10.76 -15.36 -37.34
CA LYS A 135 -10.48 -14.32 -38.33
C LYS A 135 -11.19 -14.67 -39.63
N GLN A 136 -11.03 -15.91 -40.09
CA GLN A 136 -11.65 -16.46 -41.30
C GLN A 136 -13.17 -16.32 -41.24
N ALA A 137 -13.81 -16.67 -40.10
CA ALA A 137 -15.27 -16.58 -39.95
C ALA A 137 -15.78 -15.13 -40.08
N VAL A 138 -15.11 -14.15 -39.43
CA VAL A 138 -15.54 -12.74 -39.49
C VAL A 138 -15.23 -12.16 -40.90
N ASP A 139 -14.08 -12.48 -41.50
CA ASP A 139 -13.72 -12.01 -42.83
C ASP A 139 -14.73 -12.50 -43.88
N ASN A 140 -15.15 -13.78 -43.77
CA ASN A 140 -16.12 -14.35 -44.70
C ASN A 140 -17.50 -13.72 -44.51
N ALA A 141 -17.95 -13.49 -43.27
CA ALA A 141 -19.24 -12.84 -43.00
C ALA A 141 -19.30 -11.45 -43.67
N TYR A 142 -18.27 -10.61 -43.40
CA TYR A 142 -18.15 -9.27 -43.97
C TYR A 142 -18.02 -9.30 -45.52
N ALA A 143 -17.23 -10.24 -46.08
CA ALA A 143 -17.08 -10.37 -47.53
C ALA A 143 -18.41 -10.75 -48.20
N ARG A 144 -19.27 -11.48 -47.48
CA ARG A 144 -20.58 -11.96 -47.95
C ARG A 144 -21.72 -10.96 -47.59
N GLY A 145 -21.35 -9.74 -47.19
CA GLY A 145 -22.28 -8.65 -46.93
C GLY A 145 -22.92 -8.52 -45.56
N VAL A 146 -22.36 -9.19 -44.53
CA VAL A 146 -22.89 -9.03 -43.16
C VAL A 146 -22.15 -7.87 -42.46
N VAL A 147 -22.90 -6.96 -41.80
CA VAL A 147 -22.32 -5.91 -40.96
C VAL A 147 -21.99 -6.62 -39.65
N VAL A 148 -20.69 -6.73 -39.30
CA VAL A 148 -20.21 -7.44 -38.12
C VAL A 148 -19.78 -6.40 -37.10
N VAL A 149 -20.46 -6.42 -35.94
CA VAL A 149 -20.26 -5.50 -34.81
C VAL A 149 -19.84 -6.26 -33.56
N ALA A 150 -18.90 -5.70 -32.77
CA ALA A 150 -18.47 -6.30 -31.52
C ALA A 150 -18.07 -5.25 -30.49
N ALA A 151 -18.26 -5.63 -29.20
CA ALA A 151 -17.81 -4.89 -28.03
C ALA A 151 -16.29 -4.75 -28.14
N ALA A 152 -15.74 -3.52 -28.00
CA ALA A 152 -14.27 -3.31 -28.11
C ALA A 152 -13.50 -4.00 -26.99
N GLY A 153 -14.16 -4.18 -25.83
CA GLY A 153 -13.54 -4.77 -24.66
C GLY A 153 -13.66 -3.83 -23.47
N ASN A 154 -13.47 -4.38 -22.28
CA ASN A 154 -13.58 -3.66 -21.04
C ASN A 154 -12.28 -3.67 -20.26
N SER A 155 -11.15 -3.58 -20.98
CA SER A 155 -9.82 -3.66 -20.39
C SER A 155 -9.24 -2.30 -20.01
N GLY A 156 -10.00 -1.22 -20.20
CA GLY A 156 -9.54 0.13 -19.89
C GLY A 156 -8.32 0.62 -20.64
N SER A 157 -7.60 1.57 -20.04
CA SER A 157 -6.40 2.17 -20.60
C SER A 157 -5.25 2.10 -19.61
N SER A 158 -4.03 1.99 -20.12
CA SER A 158 -2.79 1.98 -19.38
C SER A 158 -1.72 2.55 -20.30
N GLY A 159 -1.44 3.85 -20.13
CA GLY A 159 -0.48 4.52 -20.98
C GLY A 159 -0.95 4.49 -22.42
N ASN A 160 -0.11 3.94 -23.30
CA ASN A 160 -0.39 3.83 -24.73
C ASN A 160 -0.70 2.39 -25.13
N THR A 161 -0.91 1.50 -24.15
CA THR A 161 -1.21 0.10 -24.43
C THR A 161 -2.54 -0.01 -25.21
N ASN A 162 -2.53 -0.84 -26.27
CA ASN A 162 -3.71 -1.14 -27.07
C ASN A 162 -4.43 -2.29 -26.33
N THR A 163 -5.67 -2.04 -25.85
CA THR A 163 -6.39 -3.03 -25.04
C THR A 163 -7.64 -3.58 -25.77
N ILE A 164 -7.69 -3.45 -27.10
CA ILE A 164 -8.83 -3.98 -27.88
C ILE A 164 -8.73 -5.53 -27.93
N GLY A 165 -9.85 -6.20 -27.67
CA GLY A 165 -9.94 -7.65 -27.73
C GLY A 165 -10.43 -8.15 -29.07
N TYR A 166 -10.50 -9.47 -29.20
CA TYR A 166 -10.98 -10.18 -30.38
C TYR A 166 -12.38 -10.71 -30.10
N PRO A 167 -13.34 -10.69 -31.06
CA PRO A 167 -13.21 -10.35 -32.49
C PRO A 167 -13.18 -8.86 -32.86
N ALA A 168 -13.45 -7.94 -31.92
CA ALA A 168 -13.47 -6.49 -32.23
C ALA A 168 -12.21 -5.98 -32.98
N LYS A 169 -11.01 -6.52 -32.67
CA LYS A 169 -9.73 -6.06 -33.23
C LYS A 169 -9.58 -6.38 -34.73
N TYR A 170 -10.27 -7.41 -35.25
CA TYR A 170 -10.22 -7.73 -36.68
C TYR A 170 -10.80 -6.60 -37.52
N ASP A 171 -10.15 -6.29 -38.65
CA ASP A 171 -10.54 -5.22 -39.58
C ASP A 171 -11.94 -5.40 -40.19
N SER A 172 -12.45 -6.62 -40.26
CA SER A 172 -13.78 -6.89 -40.79
C SER A 172 -14.89 -6.69 -39.72
N VAL A 173 -14.50 -6.31 -38.49
CA VAL A 173 -15.45 -6.11 -37.38
C VAL A 173 -15.44 -4.63 -36.92
N ILE A 174 -16.61 -4.09 -36.53
CA ILE A 174 -16.70 -2.76 -35.96
C ILE A 174 -16.46 -2.88 -34.45
N ALA A 175 -15.35 -2.32 -33.97
CA ALA A 175 -14.99 -2.32 -32.53
C ALA A 175 -15.74 -1.15 -31.87
N VAL A 176 -16.71 -1.45 -30.93
CA VAL A 176 -17.55 -0.44 -30.27
C VAL A 176 -17.15 -0.21 -28.80
N GLY A 177 -16.77 1.04 -28.51
CA GLY A 177 -16.41 1.49 -27.17
C GLY A 177 -17.63 2.03 -26.44
N ALA A 178 -17.49 2.32 -25.15
CA ALA A 178 -18.61 2.76 -24.33
C ALA A 178 -18.44 4.19 -23.81
N VAL A 179 -19.52 4.97 -23.97
CA VAL A 179 -19.67 6.33 -23.42
C VAL A 179 -20.86 6.30 -22.42
N ASP A 180 -21.02 7.35 -21.61
CA ASP A 180 -22.13 7.42 -20.65
C ASP A 180 -23.20 8.45 -21.18
N SER A 181 -24.16 8.89 -20.33
CA SER A 181 -25.22 9.84 -20.76
C SER A 181 -24.67 11.24 -21.09
N ASN A 182 -23.43 11.53 -20.65
CA ASN A 182 -22.77 12.81 -20.90
C ASN A 182 -21.82 12.70 -22.09
N SER A 183 -21.86 11.57 -22.82
CA SER A 183 -21.00 11.26 -23.98
C SER A 183 -19.51 11.22 -23.55
N ASN A 184 -19.28 10.89 -22.26
CA ASN A 184 -17.92 10.74 -21.75
C ASN A 184 -17.54 9.28 -21.77
N ARG A 185 -16.32 9.00 -22.19
CA ARG A 185 -15.79 7.63 -22.25
C ARG A 185 -15.87 6.97 -20.87
N ALA A 186 -16.43 5.76 -20.82
CA ALA A 186 -16.44 4.94 -19.61
C ALA A 186 -15.01 4.48 -19.34
N SER A 187 -14.53 4.58 -18.10
CA SER A 187 -13.14 4.25 -17.72
C SER A 187 -12.72 2.82 -18.15
N PHE A 188 -13.65 1.87 -18.08
CA PHE A 188 -13.39 0.49 -18.50
C PHE A 188 -13.31 0.30 -20.04
N SER A 189 -13.80 1.25 -20.85
CA SER A 189 -13.80 1.09 -22.30
C SER A 189 -12.38 0.88 -22.88
N SER A 190 -12.19 -0.24 -23.61
CA SER A 190 -10.89 -0.56 -24.24
C SER A 190 -10.47 0.55 -25.25
N VAL A 191 -9.15 0.70 -25.45
CA VAL A 191 -8.52 1.73 -26.25
C VAL A 191 -7.54 1.12 -27.28
N GLY A 192 -7.27 1.82 -28.37
CA GLY A 192 -6.35 1.35 -29.40
C GLY A 192 -6.71 1.83 -30.79
N ALA A 193 -5.81 1.62 -31.77
CA ALA A 193 -6.00 2.04 -33.18
C ALA A 193 -7.23 1.44 -33.86
N GLU A 194 -7.72 0.28 -33.40
CA GLU A 194 -8.88 -0.42 -34.02
C GLU A 194 -10.21 0.07 -33.44
N LEU A 195 -10.19 0.88 -32.37
CA LEU A 195 -11.42 1.46 -31.80
C LEU A 195 -12.06 2.28 -32.91
N GLU A 196 -13.32 1.93 -33.30
CA GLU A 196 -13.94 2.52 -34.45
C GLU A 196 -14.97 3.61 -34.11
N VAL A 197 -15.94 3.29 -33.25
CA VAL A 197 -17.03 4.18 -32.84
C VAL A 197 -17.37 3.89 -31.40
N MET A 198 -18.09 4.81 -30.76
CA MET A 198 -18.57 4.72 -29.39
C MET A 198 -20.10 4.70 -29.39
N ALA A 199 -20.69 4.13 -28.34
CA ALA A 199 -22.13 4.09 -28.19
C ALA A 199 -22.45 4.00 -26.69
N PRO A 200 -23.68 4.27 -26.24
CA PRO A 200 -23.96 4.18 -24.78
C PRO A 200 -23.66 2.80 -24.20
N GLY A 201 -22.84 2.77 -23.14
CA GLY A 201 -22.45 1.52 -22.47
C GLY A 201 -22.40 1.59 -20.95
N ALA A 202 -22.82 2.71 -20.36
CA ALA A 202 -22.86 2.91 -18.91
C ALA A 202 -24.30 3.18 -18.49
N GLY A 203 -24.80 2.45 -17.49
CA GLY A 203 -26.16 2.56 -17.01
C GLY A 203 -27.21 2.30 -18.08
N VAL A 204 -27.02 1.23 -18.90
CA VAL A 204 -27.93 0.89 -19.99
C VAL A 204 -29.06 -0.01 -19.47
N TYR A 205 -30.27 0.56 -19.41
CA TYR A 205 -31.49 -0.10 -18.98
C TYR A 205 -32.07 -0.89 -20.18
N SER A 206 -32.31 -2.20 -20.00
CA SER A 206 -32.84 -3.05 -21.06
C SER A 206 -33.60 -4.26 -20.48
N THR A 207 -34.13 -5.14 -21.37
CA THR A 207 -34.86 -6.38 -21.02
C THR A 207 -33.95 -7.31 -20.24
N TYR A 208 -34.53 -8.17 -19.38
CA TYR A 208 -33.77 -9.11 -18.57
C TYR A 208 -34.67 -10.26 -18.16
N PRO A 209 -34.17 -11.53 -18.08
CA PRO A 209 -35.04 -12.63 -17.64
C PRO A 209 -35.31 -12.56 -16.12
N THR A 210 -36.47 -13.03 -15.62
CA THR A 210 -37.59 -13.57 -16.41
C THR A 210 -38.64 -12.46 -16.49
N ASN A 211 -38.97 -12.03 -17.73
CA ASN A 211 -39.98 -11.00 -18.02
C ASN A 211 -39.73 -9.72 -17.24
N THR A 212 -38.45 -9.29 -17.12
CA THR A 212 -38.16 -8.10 -16.33
C THR A 212 -37.11 -7.21 -17.07
N TYR A 213 -36.50 -6.27 -16.33
CA TYR A 213 -35.58 -5.26 -16.84
C TYR A 213 -34.44 -5.03 -15.86
N ALA A 214 -33.25 -4.71 -16.38
CA ALA A 214 -32.04 -4.46 -15.60
C ALA A 214 -31.16 -3.39 -16.25
N THR A 215 -30.31 -2.77 -15.44
CA THR A 215 -29.36 -1.75 -15.82
C THR A 215 -27.96 -2.38 -15.77
N LEU A 216 -27.22 -2.39 -16.89
CA LEU A 216 -25.87 -2.97 -16.96
C LEU A 216 -24.87 -2.02 -17.57
N ASN A 217 -23.57 -2.28 -17.35
CA ASN A 217 -22.45 -1.52 -17.89
C ASN A 217 -21.57 -2.40 -18.71
N GLY A 218 -21.00 -1.87 -19.78
CA GLY A 218 -20.03 -2.60 -20.59
C GLY A 218 -20.02 -2.20 -22.05
N THR A 219 -18.97 -2.58 -22.78
CA THR A 219 -18.94 -2.35 -24.22
C THR A 219 -19.98 -3.31 -24.86
N SER A 220 -20.44 -4.32 -24.07
CA SER A 220 -21.52 -5.26 -24.43
C SER A 220 -22.81 -4.51 -24.69
N MET A 221 -22.99 -3.38 -23.96
CA MET A 221 -24.19 -2.55 -24.00
C MET A 221 -24.09 -1.54 -25.13
N ALA A 222 -22.88 -1.14 -25.45
CA ALA A 222 -22.56 -0.20 -26.52
C ALA A 222 -22.74 -0.86 -27.88
N SER A 223 -22.13 -2.04 -28.09
CA SER A 223 -22.18 -2.84 -29.32
C SER A 223 -23.64 -3.00 -29.91
N PRO A 224 -24.71 -3.41 -29.15
CA PRO A 224 -26.05 -3.55 -29.76
C PRO A 224 -26.67 -2.23 -30.25
N HIS A 225 -26.19 -1.08 -29.76
CA HIS A 225 -26.66 0.22 -30.24
C HIS A 225 -26.23 0.38 -31.69
N VAL A 226 -24.96 -0.02 -32.01
CA VAL A 226 -24.37 0.08 -33.34
C VAL A 226 -24.97 -1.01 -34.26
N ALA A 227 -25.27 -2.20 -33.69
CA ALA A 227 -25.93 -3.26 -34.42
C ALA A 227 -27.32 -2.78 -34.88
N GLY A 228 -28.07 -2.17 -33.95
CA GLY A 228 -29.41 -1.66 -34.20
C GLY A 228 -29.40 -0.50 -35.19
N ALA A 229 -28.37 0.37 -35.07
CA ALA A 229 -28.16 1.52 -35.96
C ALA A 229 -27.91 1.04 -37.39
N ALA A 230 -27.14 -0.07 -37.54
CA ALA A 230 -26.88 -0.69 -38.85
C ALA A 230 -28.20 -1.17 -39.44
N ALA A 231 -29.09 -1.73 -38.60
CA ALA A 231 -30.41 -2.22 -39.04
C ALA A 231 -31.33 -1.09 -39.47
N LEU A 232 -31.31 0.05 -38.79
CA LEU A 232 -32.10 1.22 -39.15
C LEU A 232 -31.71 1.72 -40.53
N ILE A 233 -30.37 1.89 -40.77
CA ILE A 233 -29.83 2.35 -42.06
C ILE A 233 -30.34 1.43 -43.17
N LEU A 234 -30.21 0.11 -42.96
CA LEU A 234 -30.59 -0.93 -43.91
C LEU A 234 -32.09 -0.99 -44.09
N SER A 235 -32.89 -0.60 -43.10
CA SER A 235 -34.35 -0.59 -43.31
C SER A 235 -34.77 0.62 -44.15
N LYS A 236 -33.93 1.66 -44.18
CA LYS A 236 -34.19 2.87 -44.94
C LYS A 236 -33.58 2.75 -46.34
N HIS A 237 -32.34 2.24 -46.41
CA HIS A 237 -31.61 2.07 -47.67
C HIS A 237 -31.12 0.63 -47.74
N PRO A 238 -32.02 -0.31 -48.13
CA PRO A 238 -31.65 -1.73 -48.09
C PRO A 238 -30.57 -2.17 -49.08
N ASN A 239 -30.32 -1.42 -50.13
CA ASN A 239 -29.34 -1.85 -51.14
C ASN A 239 -27.92 -1.36 -50.84
N LEU A 240 -27.69 -0.70 -49.72
CA LEU A 240 -26.32 -0.32 -49.39
C LEU A 240 -25.52 -1.54 -48.97
N SER A 241 -24.24 -1.59 -49.34
CA SER A 241 -23.37 -2.71 -48.97
C SER A 241 -22.97 -2.57 -47.49
N ALA A 242 -22.51 -3.68 -46.89
CA ALA A 242 -22.07 -3.72 -45.49
C ALA A 242 -20.99 -2.65 -45.24
N SER A 243 -20.02 -2.45 -46.18
CA SER A 243 -18.98 -1.44 -46.00
C SER A 243 -19.55 -0.03 -46.14
N GLN A 244 -20.56 0.15 -47.00
CA GLN A 244 -21.23 1.45 -47.14
C GLN A 244 -21.98 1.81 -45.83
N VAL A 245 -22.66 0.83 -45.17
CA VAL A 245 -23.38 1.04 -43.89
C VAL A 245 -22.35 1.36 -42.80
N ARG A 246 -21.27 0.57 -42.76
CA ARG A 246 -20.15 0.75 -41.83
C ARG A 246 -19.50 2.13 -41.98
N ASN A 247 -19.28 2.58 -43.24
CA ASN A 247 -18.65 3.88 -43.51
C ASN A 247 -19.57 5.02 -43.19
N ARG A 248 -20.90 4.84 -43.31
CA ARG A 248 -21.85 5.87 -42.91
C ARG A 248 -21.82 6.03 -41.40
N LEU A 249 -21.71 4.92 -40.64
CA LEU A 249 -21.69 4.99 -39.17
C LEU A 249 -20.43 5.67 -38.61
N SER A 250 -19.25 5.41 -39.22
CA SER A 250 -18.02 6.03 -38.73
C SER A 250 -17.84 7.48 -39.25
N SER A 251 -18.24 7.78 -40.50
CA SER A 251 -18.15 9.12 -41.15
C SER A 251 -19.02 10.20 -40.52
N THR A 252 -20.15 9.81 -39.92
CA THR A 252 -21.11 10.79 -39.40
C THR A 252 -21.12 10.84 -37.85
N ALA A 253 -20.24 10.06 -37.21
CA ALA A 253 -20.11 10.00 -35.76
C ALA A 253 -19.69 11.38 -35.19
N THR A 254 -20.19 11.72 -34.00
CA THR A 254 -19.91 12.99 -33.32
C THR A 254 -18.52 12.93 -32.70
N TYR A 255 -17.59 13.79 -33.16
CA TYR A 255 -16.22 13.83 -32.64
C TYR A 255 -16.25 14.11 -31.12
N LEU A 256 -15.61 13.27 -30.31
CA LEU A 256 -15.59 13.45 -28.84
C LEU A 256 -14.18 13.62 -28.26
N GLY A 257 -13.17 13.40 -29.08
CA GLY A 257 -11.78 13.52 -28.67
C GLY A 257 -10.91 12.56 -29.47
N SER A 258 -9.69 12.31 -28.99
CA SER A 258 -8.69 11.47 -29.62
C SER A 258 -9.25 10.11 -30.00
N SER A 259 -9.00 9.67 -31.25
CA SER A 259 -9.46 8.39 -31.78
C SER A 259 -8.95 7.21 -30.96
N PHE A 260 -7.81 7.37 -30.26
CA PHE A 260 -7.24 6.33 -29.40
C PHE A 260 -8.25 5.94 -28.32
N TYR A 261 -8.96 6.93 -27.76
CA TYR A 261 -9.95 6.76 -26.72
C TYR A 261 -11.40 6.69 -27.22
N TYR A 262 -11.72 7.35 -28.35
CA TYR A 262 -13.10 7.43 -28.81
C TYR A 262 -13.38 6.92 -30.23
N GLY A 263 -12.38 6.46 -30.96
CA GLY A 263 -12.61 6.09 -32.35
C GLY A 263 -13.03 7.33 -33.13
N LYS A 264 -14.03 7.20 -34.04
CA LYS A 264 -14.51 8.37 -34.79
C LYS A 264 -15.45 9.21 -33.92
N GLY A 265 -15.94 8.61 -32.84
CA GLY A 265 -16.83 9.28 -31.91
C GLY A 265 -18.12 8.53 -31.67
N LEU A 266 -19.10 9.23 -31.09
CA LEU A 266 -20.40 8.66 -30.77
C LEU A 266 -21.24 8.57 -32.05
N ILE A 267 -21.78 7.37 -32.36
CA ILE A 267 -22.62 7.20 -33.54
C ILE A 267 -23.83 8.13 -33.52
N ASN A 268 -24.20 8.60 -34.71
CA ASN A 268 -25.36 9.45 -34.97
C ASN A 268 -26.10 8.80 -36.13
N VAL A 269 -27.07 7.93 -35.80
CA VAL A 269 -27.82 7.15 -36.79
C VAL A 269 -28.72 8.09 -37.66
N GLU A 270 -29.12 9.28 -37.14
CA GLU A 270 -29.90 10.23 -37.93
C GLU A 270 -29.05 10.69 -39.13
N ALA A 271 -27.78 11.08 -38.86
CA ALA A 271 -26.85 11.50 -39.91
C ALA A 271 -26.40 10.29 -40.76
N ALA A 272 -26.16 9.13 -40.13
CA ALA A 272 -25.71 7.94 -40.84
C ALA A 272 -26.79 7.41 -41.80
N ALA A 273 -28.08 7.51 -41.44
CA ALA A 273 -29.19 7.02 -42.28
C ALA A 273 -29.75 8.07 -43.22
N GLN A 274 -29.08 9.23 -43.38
CA GLN A 274 -29.55 10.27 -44.30
C GLN A 274 -29.98 9.68 -45.67
N GLY B 1 14.19 -15.80 -15.64
CA GLY B 1 14.74 -16.21 -14.37
C GLY B 1 13.70 -16.60 -13.35
N SER B 2 14.11 -16.66 -12.08
CA SER B 2 13.32 -17.03 -10.91
C SER B 2 13.88 -16.31 -9.70
N ALA B 3 13.01 -15.96 -8.75
CA ALA B 3 13.39 -15.23 -7.54
C ALA B 3 13.82 -16.15 -6.39
N HIS B 4 14.58 -15.60 -5.42
CA HIS B 4 15.02 -16.36 -4.25
C HIS B 4 14.70 -15.59 -3.00
N GLY B 5 14.70 -16.31 -1.89
CA GLY B 5 14.42 -15.73 -0.58
C GLY B 5 13.04 -16.08 -0.10
N PRO B 6 12.75 -15.86 1.20
CA PRO B 6 11.46 -16.31 1.74
C PRO B 6 10.28 -15.42 1.37
N SER B 7 9.08 -16.04 1.33
CA SER B 7 7.82 -15.35 1.03
C SER B 7 6.78 -15.62 2.13
N ALA B 8 5.98 -14.62 2.46
CA ALA B 8 4.91 -14.69 3.47
C ALA B 8 3.81 -13.79 2.92
N MET B 9 2.80 -14.41 2.33
CA MET B 9 1.80 -13.67 1.56
C MET B 9 0.35 -13.98 1.93
N VAL B 10 -0.54 -13.01 1.65
CA VAL B 10 -1.99 -13.12 1.75
C VAL B 10 -2.55 -12.74 0.37
N PHE B 11 -3.32 -13.67 -0.21
CA PHE B 11 -3.96 -13.48 -1.49
C PHE B 11 -5.44 -13.38 -1.25
N THR B 12 -6.13 -12.41 -1.89
CA THR B 12 -7.57 -12.28 -1.74
C THR B 12 -8.20 -12.07 -3.10
N VAL B 13 -9.51 -12.30 -3.17
CA VAL B 13 -10.36 -12.03 -4.32
C VAL B 13 -11.45 -11.13 -3.75
N ILE B 14 -11.62 -9.93 -4.33
CA ILE B 14 -12.59 -8.97 -3.79
C ILE B 14 -13.55 -8.49 -4.89
N GLN B 15 -14.78 -8.18 -4.48
CA GLN B 15 -15.85 -7.68 -5.33
C GLN B 15 -15.62 -6.18 -5.52
N GLY B 16 -15.27 -5.77 -6.73
CA GLY B 16 -14.99 -4.36 -7.01
C GLY B 16 -13.67 -4.13 -7.68
N SER B 17 -13.22 -2.87 -7.66
CA SER B 17 -12.01 -2.40 -8.35
C SER B 17 -10.77 -2.27 -7.46
N GLY B 18 -10.90 -2.63 -6.19
CA GLY B 18 -9.77 -2.54 -5.28
C GLY B 18 -9.89 -1.43 -4.25
N GLU B 19 -11.13 -1.05 -3.94
CA GLU B 19 -11.43 -0.02 -2.95
C GLU B 19 -11.32 -0.67 -1.57
N PRO B 20 -11.01 0.07 -0.47
CA PRO B 20 -10.82 -0.60 0.85
C PRO B 20 -12.10 -1.19 1.45
N THR B 21 -13.25 -0.69 1.03
CA THR B 21 -14.59 -1.08 1.47
C THR B 21 -15.11 -2.31 0.67
N ASP B 22 -14.42 -2.71 -0.42
CA ASP B 22 -14.78 -3.83 -1.27
C ASP B 22 -14.90 -5.12 -0.47
N THR B 23 -15.97 -5.86 -0.77
CA THR B 23 -16.33 -7.12 -0.15
C THR B 23 -15.32 -8.21 -0.54
N VAL B 24 -14.80 -8.92 0.47
CA VAL B 24 -13.88 -10.05 0.30
C VAL B 24 -14.71 -11.26 -0.13
N LEU B 25 -14.30 -11.93 -1.19
CA LEU B 25 -14.97 -13.15 -1.71
C LEU B 25 -14.26 -14.37 -1.18
N ARG B 26 -12.91 -14.34 -1.19
CA ARG B 26 -12.06 -15.39 -0.62
C ARG B 26 -10.67 -14.89 -0.34
N ALA B 27 -10.00 -15.53 0.62
CA ALA B 27 -8.65 -15.18 1.04
C ALA B 27 -7.89 -16.41 1.49
N THR B 28 -6.55 -16.39 1.35
CA THR B 28 -5.68 -17.47 1.79
C THR B 28 -4.30 -16.95 2.14
N THR B 29 -3.55 -17.75 2.90
CA THR B 29 -2.18 -17.42 3.32
C THR B 29 -1.21 -18.41 2.71
N LEU B 30 0.02 -17.96 2.46
CA LEU B 30 1.08 -18.77 1.88
C LEU B 30 2.43 -18.36 2.45
N SER B 31 3.24 -19.34 2.85
CA SER B 31 4.59 -19.19 3.34
C SER B 31 5.51 -20.05 2.51
N CYS B 32 6.56 -19.44 1.94
CA CYS B 32 7.53 -20.12 1.09
C CYS B 32 8.89 -19.94 1.78
N ALA B 33 9.35 -20.98 2.50
CA ALA B 33 10.63 -20.95 3.19
C ALA B 33 11.32 -22.30 2.94
N TYR B 34 11.83 -23.02 3.95
CA TYR B 34 12.43 -24.34 3.65
C TYR B 34 11.41 -25.22 2.96
N THR B 35 10.17 -25.19 3.45
CA THR B 35 9.01 -25.86 2.86
C THR B 35 7.92 -24.84 2.55
N ALA B 36 7.01 -25.23 1.66
CA ALA B 36 5.87 -24.44 1.24
C ALA B 36 4.72 -24.75 2.20
N GLU B 37 4.29 -23.73 2.93
CA GLU B 37 3.26 -23.80 3.97
C GLU B 37 2.17 -22.74 3.76
N GLY B 38 1.22 -22.69 4.70
CA GLY B 38 0.09 -21.76 4.71
C GLY B 38 -1.24 -22.46 4.62
N THR B 39 -2.34 -21.69 4.62
CA THR B 39 -3.68 -22.28 4.47
C THR B 39 -3.99 -22.50 2.99
N HIS B 40 -3.08 -22.09 2.07
CA HIS B 40 -3.25 -22.31 0.63
C HIS B 40 -3.40 -23.82 0.35
N PRO B 41 -4.38 -24.26 -0.47
CA PRO B 41 -4.58 -25.71 -0.67
C PRO B 41 -3.47 -26.43 -1.42
N ALA B 42 -2.69 -25.71 -2.24
CA ALA B 42 -1.58 -26.31 -2.98
C ALA B 42 -0.35 -25.45 -2.76
N PRO B 43 0.25 -25.48 -1.55
CA PRO B 43 1.34 -24.54 -1.26
C PRO B 43 2.57 -24.66 -2.17
N ARG B 44 3.04 -25.89 -2.44
CA ARG B 44 4.25 -26.12 -3.25
C ARG B 44 4.05 -25.56 -4.70
N ALA B 45 2.88 -25.76 -5.33
CA ALA B 45 2.59 -25.27 -6.69
C ALA B 45 2.46 -23.75 -6.69
N ALA B 46 1.80 -23.20 -5.66
CA ALA B 46 1.65 -21.75 -5.50
C ALA B 46 3.04 -21.08 -5.30
N CYS B 47 3.94 -21.64 -4.47
CA CYS B 47 5.29 -21.07 -4.26
C CYS B 47 6.10 -21.11 -5.52
N ASP B 48 6.06 -22.26 -6.24
CA ASP B 48 6.79 -22.48 -7.48
C ASP B 48 6.40 -21.44 -8.54
N ALA B 49 5.08 -21.19 -8.72
CA ALA B 49 4.57 -20.17 -9.66
C ALA B 49 5.05 -18.75 -9.27
N LEU B 50 4.98 -18.42 -7.97
CA LEU B 50 5.41 -17.13 -7.40
C LEU B 50 6.89 -16.87 -7.69
N ASN B 51 7.77 -17.83 -7.34
CA ASN B 51 9.20 -17.72 -7.57
C ASN B 51 9.51 -17.55 -9.05
N ALA B 52 8.75 -18.22 -9.92
CA ALA B 52 8.93 -18.16 -11.37
C ALA B 52 8.60 -16.76 -11.94
N THR B 53 7.75 -15.95 -11.25
CA THR B 53 7.43 -14.57 -11.72
C THR B 53 8.62 -13.63 -11.55
N ASP B 54 9.65 -14.02 -10.77
CA ASP B 54 10.86 -13.24 -10.56
C ASP B 54 10.50 -11.82 -10.01
N GLY B 55 9.62 -11.80 -9.00
CA GLY B 55 9.18 -10.57 -8.33
C GLY B 55 8.15 -9.73 -9.08
N GLU B 56 7.70 -10.19 -10.26
CA GLU B 56 6.75 -9.46 -11.11
C GLU B 56 5.43 -10.22 -11.21
N LEU B 57 4.51 -9.96 -10.26
CA LEU B 57 3.23 -10.67 -10.17
C LEU B 57 2.33 -10.48 -11.40
N ASN B 58 2.60 -9.49 -12.27
CA ASN B 58 1.82 -9.35 -13.51
C ASN B 58 2.04 -10.56 -14.44
N ARG B 59 3.10 -11.34 -14.17
CA ARG B 59 3.43 -12.56 -14.94
C ARG B 59 2.45 -13.69 -14.62
N LEU B 60 1.63 -13.52 -13.55
CA LEU B 60 0.55 -14.48 -13.23
C LEU B 60 -0.58 -14.36 -14.28
N LEU B 61 -0.64 -13.23 -15.01
CA LEU B 61 -1.66 -12.97 -16.04
C LEU B 61 -1.13 -13.23 -17.47
N ALA B 62 0.13 -13.68 -17.61
CA ALA B 62 0.85 -13.90 -18.86
C ALA B 62 0.39 -15.15 -19.65
N ALA B 63 -0.34 -16.12 -19.01
CA ALA B 63 -0.78 -17.34 -19.70
C ALA B 63 -2.33 -17.45 -19.74
N PRO B 64 -3.06 -16.51 -20.40
CA PRO B 64 -4.53 -16.65 -20.45
C PRO B 64 -4.95 -17.80 -21.36
N ASP B 65 -6.17 -18.33 -21.12
CA ASP B 65 -6.70 -19.43 -21.91
C ASP B 65 -6.92 -18.88 -23.32
N PRO B 66 -6.21 -19.43 -24.35
CA PRO B 66 -6.31 -18.87 -25.70
C PRO B 66 -7.58 -19.25 -26.45
N SER B 67 -8.44 -20.08 -25.84
CA SER B 67 -9.63 -20.58 -26.56
C SER B 67 -10.95 -20.08 -25.95
N LEU B 68 -10.91 -19.19 -24.96
CA LEU B 68 -12.13 -18.73 -24.31
C LEU B 68 -12.52 -17.29 -24.61
N VAL B 69 -13.83 -17.05 -24.70
CA VAL B 69 -14.37 -15.71 -24.81
C VAL B 69 -15.28 -15.48 -23.59
N CYS B 70 -15.54 -14.21 -23.26
CA CYS B 70 -16.38 -13.85 -22.13
C CYS B 70 -17.36 -12.77 -22.54
N PRO B 71 -18.54 -12.62 -21.86
CA PRO B 71 -19.45 -11.51 -22.22
C PRO B 71 -18.83 -10.19 -21.76
N MET B 72 -18.99 -9.12 -22.53
CA MET B 72 -18.31 -7.86 -22.19
C MET B 72 -19.19 -6.93 -21.31
N TYR B 73 -19.76 -7.50 -20.23
CA TYR B 73 -20.46 -6.71 -19.21
C TYR B 73 -19.41 -6.39 -18.15
N PHE B 74 -19.45 -5.18 -17.60
CA PHE B 74 -18.54 -4.74 -16.57
C PHE B 74 -19.15 -4.87 -15.17
N ASP B 75 -18.56 -5.76 -14.36
CA ASP B 75 -18.89 -6.01 -12.97
C ASP B 75 -17.57 -6.43 -12.33
N PRO B 76 -16.73 -5.41 -11.98
CA PRO B 76 -15.34 -5.70 -11.63
C PRO B 76 -15.10 -6.65 -10.45
N VAL B 77 -14.04 -7.46 -10.56
CA VAL B 77 -13.54 -8.41 -9.56
C VAL B 77 -12.01 -8.19 -9.53
N THR B 78 -11.45 -8.11 -8.32
CA THR B 78 -10.04 -7.80 -8.16
C THR B 78 -9.32 -8.87 -7.35
N VAL B 79 -8.12 -9.22 -7.79
CA VAL B 79 -7.21 -10.13 -7.08
C VAL B 79 -6.14 -9.24 -6.41
N THR B 80 -5.77 -9.58 -5.16
CA THR B 80 -4.76 -8.83 -4.40
C THR B 80 -3.69 -9.81 -3.89
N ALA B 81 -2.49 -9.28 -3.66
CA ALA B 81 -1.33 -9.99 -3.11
C ALA B 81 -0.58 -9.02 -2.23
N ASP B 82 -0.43 -9.35 -0.95
CA ASP B 82 0.26 -8.49 0.04
C ASP B 82 1.12 -9.31 0.94
N GLY B 83 2.26 -8.75 1.28
CA GLY B 83 3.21 -9.38 2.18
C GLY B 83 4.63 -9.28 1.71
N VAL B 84 5.37 -10.36 1.86
CA VAL B 84 6.77 -10.42 1.50
C VAL B 84 6.90 -11.40 0.37
N LEU B 85 7.40 -10.93 -0.76
CA LEU B 85 7.63 -11.74 -1.93
C LEU B 85 9.12 -11.84 -2.14
N ASN B 86 9.66 -13.03 -1.90
CA ASN B 86 11.09 -13.33 -2.02
C ASN B 86 11.94 -12.23 -1.33
N GLY B 87 11.66 -11.96 -0.05
CA GLY B 87 12.37 -11.00 0.79
C GLY B 87 11.98 -9.55 0.60
N ARG B 88 11.13 -9.24 -0.41
CA ARG B 88 10.71 -7.86 -0.71
C ARG B 88 9.24 -7.61 -0.39
N ARG B 89 8.94 -6.50 0.31
CA ARG B 89 7.55 -6.11 0.60
C ARG B 89 6.77 -5.87 -0.70
N VAL B 90 5.53 -6.37 -0.79
CA VAL B 90 4.68 -6.18 -1.97
C VAL B 90 3.26 -5.83 -1.57
N ALA B 91 2.63 -5.00 -2.38
CA ALA B 91 1.21 -4.66 -2.33
C ALA B 91 0.75 -4.58 -3.79
N TRP B 92 0.18 -5.67 -4.30
CA TRP B 92 -0.20 -5.80 -5.70
C TRP B 92 -1.68 -6.10 -5.84
N LYS B 93 -2.28 -5.61 -6.93
CA LYS B 93 -3.69 -5.85 -7.24
C LYS B 93 -3.89 -5.88 -8.74
N HIS B 94 -4.90 -6.62 -9.20
CA HIS B 94 -5.29 -6.66 -10.62
C HIS B 94 -6.80 -6.78 -10.69
N THR B 95 -7.44 -5.89 -11.48
CA THR B 95 -8.88 -5.86 -11.69
C THR B 95 -9.23 -6.47 -13.03
N PHE B 96 -10.22 -7.36 -13.04
CA PHE B 96 -10.77 -8.01 -14.22
C PHE B 96 -12.16 -7.43 -14.43
N SER B 97 -12.64 -7.34 -15.70
CA SER B 97 -13.95 -6.75 -16.00
C SER B 97 -15.10 -7.52 -15.33
N ASN B 98 -14.98 -8.83 -15.20
CA ASN B 98 -15.99 -9.69 -14.56
C ASN B 98 -15.31 -11.01 -14.16
N THR B 99 -16.06 -11.91 -13.51
CA THR B 99 -15.52 -13.19 -13.03
C THR B 99 -15.14 -14.14 -14.19
N CYS B 100 -15.85 -14.09 -15.32
CA CYS B 100 -15.52 -14.90 -16.50
C CYS B 100 -14.12 -14.56 -16.97
N VAL B 101 -13.81 -13.25 -17.11
CA VAL B 101 -12.53 -12.72 -17.59
C VAL B 101 -11.42 -13.09 -16.60
N MET B 102 -11.66 -12.97 -15.28
CA MET B 102 -10.69 -13.39 -14.26
C MET B 102 -10.30 -14.86 -14.47
N SER B 103 -11.30 -15.73 -14.47
CA SER B 103 -11.15 -17.16 -14.62
C SER B 103 -10.33 -17.51 -15.89
N ALA B 104 -10.66 -16.90 -17.03
CA ALA B 104 -10.02 -17.13 -18.33
C ALA B 104 -8.57 -16.61 -18.36
N ASN B 105 -8.33 -15.40 -17.82
CA ASN B 105 -7.01 -14.78 -17.77
C ASN B 105 -6.07 -15.52 -16.80
N LEU B 106 -6.57 -15.93 -15.61
CA LEU B 106 -5.73 -16.61 -14.63
C LEU B 106 -5.47 -18.05 -15.05
N ASN B 107 -6.41 -18.66 -15.81
CA ASN B 107 -6.31 -19.99 -16.41
C ASN B 107 -5.74 -21.05 -15.46
N SER B 108 -6.44 -21.28 -14.33
CA SER B 108 -6.12 -22.27 -13.28
C SER B 108 -4.69 -22.09 -12.64
N ASN B 109 -4.14 -20.84 -12.68
CA ASN B 109 -2.85 -20.53 -12.08
C ASN B 109 -2.86 -20.98 -10.61
N PRO B 110 -1.86 -21.78 -10.14
CA PRO B 110 -1.86 -22.24 -8.74
C PRO B 110 -1.98 -21.15 -7.66
N VAL B 111 -1.51 -19.92 -7.91
CA VAL B 111 -1.54 -18.88 -6.89
C VAL B 111 -3.00 -18.57 -6.48
N TYR B 112 -3.91 -18.47 -7.44
CA TYR B 112 -5.30 -18.14 -7.15
C TYR B 112 -6.23 -19.36 -7.20
N ALA B 113 -5.67 -20.58 -6.98
CA ALA B 113 -6.43 -21.84 -6.89
C ALA B 113 -6.73 -22.09 -5.41
N PHE B 114 -7.62 -21.26 -4.84
CA PHE B 114 -8.03 -21.34 -3.43
C PHE B 114 -9.51 -20.95 -3.28
N ALA C 1 46.30 9.85 14.13
CA ALA C 1 45.07 9.33 13.52
C ALA C 1 43.82 9.75 14.33
N GLN C 2 43.87 10.92 15.00
CA GLN C 2 42.69 11.39 15.76
C GLN C 2 41.78 12.26 14.88
N THR C 3 40.48 11.93 14.91
CA THR C 3 39.38 12.56 14.19
C THR C 3 38.54 13.39 15.17
N VAL C 4 38.21 14.63 14.81
CA VAL C 4 37.39 15.51 15.63
C VAL C 4 35.97 15.46 15.08
N PRO C 5 35.00 14.83 15.81
CA PRO C 5 33.61 14.81 15.32
C PRO C 5 33.07 16.25 15.17
N TYR C 6 32.23 16.52 14.14
CA TYR C 6 31.70 17.88 13.84
C TYR C 6 31.09 18.58 15.11
N GLY C 7 30.51 17.80 16.02
CA GLY C 7 29.88 18.31 17.24
C GLY C 7 30.78 19.11 18.17
N ILE C 8 32.09 18.75 18.24
CA ILE C 8 33.04 19.41 19.13
C ILE C 8 33.17 20.90 18.67
N PRO C 9 33.52 21.25 17.40
CA PRO C 9 33.55 22.68 17.04
C PRO C 9 32.16 23.33 16.95
N LEU C 10 31.08 22.57 16.65
CA LEU C 10 29.74 23.16 16.52
C LEU C 10 29.26 23.79 17.86
N ILE C 11 29.49 23.10 19.00
CA ILE C 11 29.09 23.62 20.32
C ILE C 11 30.18 24.53 20.90
N LYS C 12 31.30 24.69 20.15
CA LYS C 12 32.48 25.52 20.42
C LYS C 12 33.29 24.96 21.59
N ALA C 13 33.29 23.61 21.73
CA ALA C 13 34.03 22.90 22.78
C ALA C 13 35.54 23.00 22.53
N ASP C 14 35.95 23.13 21.24
CA ASP C 14 37.36 23.25 20.84
C ASP C 14 37.98 24.56 21.34
N LYS C 15 37.17 25.64 21.41
CA LYS C 15 37.57 26.95 21.90
C LYS C 15 37.85 26.90 23.39
N VAL C 16 36.98 26.21 24.17
CA VAL C 16 37.14 26.07 25.62
C VAL C 16 38.37 25.19 25.93
N GLN C 17 38.54 24.09 25.16
CA GLN C 17 39.72 23.20 25.28
C GLN C 17 41.01 23.97 24.96
N ALA C 18 40.95 24.90 23.97
CA ALA C 18 42.09 25.75 23.58
C ALA C 18 42.51 26.69 24.73
N GLN C 19 41.57 27.02 25.66
CA GLN C 19 41.84 27.87 26.82
C GLN C 19 42.56 27.07 27.92
N GLY C 20 42.53 25.74 27.81
CA GLY C 20 43.16 24.82 28.74
C GLY C 20 42.18 24.16 29.70
N PHE C 21 40.86 24.28 29.44
CA PHE C 21 39.79 23.71 30.26
C PHE C 21 39.18 22.56 29.49
N LYS C 22 39.40 21.33 30.01
CA LYS C 22 39.04 20.06 29.38
C LYS C 22 38.22 19.11 30.26
N GLY C 23 37.72 19.60 31.38
CA GLY C 23 36.93 18.76 32.28
C GLY C 23 37.71 18.08 33.41
N ALA C 24 39.00 18.37 33.57
CA ALA C 24 39.85 17.78 34.62
C ALA C 24 39.23 17.94 35.99
N ASN C 25 39.18 16.82 36.75
CA ASN C 25 38.67 16.71 38.12
C ASN C 25 37.15 16.75 38.21
N VAL C 26 36.45 16.80 37.07
CA VAL C 26 34.98 16.79 37.06
C VAL C 26 34.53 15.34 36.86
N LYS C 27 33.61 14.87 37.75
CA LYS C 27 33.06 13.51 37.74
C LYS C 27 31.76 13.46 36.96
N VAL C 28 31.76 12.68 35.88
CA VAL C 28 30.59 12.51 35.00
C VAL C 28 30.17 11.04 34.99
N ALA C 29 28.93 10.79 35.38
CA ALA C 29 28.37 9.45 35.39
C ALA C 29 27.54 9.23 34.14
N VAL C 30 27.88 8.20 33.36
CA VAL C 30 27.11 7.84 32.17
C VAL C 30 26.24 6.65 32.56
N LEU C 31 24.94 6.89 32.74
CA LEU C 31 23.93 5.91 33.15
C LEU C 31 23.42 5.25 31.88
N ASP C 32 23.96 4.06 31.57
CA ASP C 32 23.65 3.47 30.28
C ASP C 32 23.88 1.94 30.27
N THR C 33 24.25 1.38 29.12
CA THR C 33 24.52 -0.05 28.92
C THR C 33 25.94 -0.44 29.41
N GLY C 34 26.60 0.45 30.16
CA GLY C 34 27.97 0.29 30.62
C GLY C 34 28.93 0.99 29.67
N ILE C 35 30.25 0.79 29.83
CA ILE C 35 31.25 1.40 28.93
C ILE C 35 32.35 0.38 28.70
N GLN C 36 32.80 0.21 27.44
CA GLN C 36 33.92 -0.70 27.18
C GLN C 36 35.20 -0.01 27.70
N ALA C 37 35.49 -0.21 28.99
CA ALA C 37 36.63 0.41 29.69
C ALA C 37 37.98 0.08 29.05
N SER C 38 38.08 -1.11 28.40
CA SER C 38 39.30 -1.55 27.71
C SER C 38 39.50 -0.83 26.36
N HIS C 39 38.59 0.09 25.97
CA HIS C 39 38.71 0.85 24.73
C HIS C 39 39.92 1.79 24.84
N PRO C 40 40.87 1.77 23.89
CA PRO C 40 42.07 2.63 24.02
C PRO C 40 41.78 4.13 24.07
N ASP C 41 40.63 4.60 23.52
CA ASP C 41 40.27 6.03 23.51
C ASP C 41 39.35 6.43 24.69
N LEU C 42 39.17 5.57 25.71
CA LEU C 42 38.36 5.90 26.89
C LEU C 42 39.06 5.50 28.18
N ASN C 43 38.87 6.31 29.24
CA ASN C 43 39.43 6.03 30.56
C ASN C 43 38.32 6.04 31.61
N VAL C 44 37.84 4.84 31.97
CA VAL C 44 36.75 4.65 32.94
C VAL C 44 37.41 4.48 34.28
N VAL C 45 37.13 5.38 35.23
CA VAL C 45 37.83 5.32 36.54
C VAL C 45 36.96 4.73 37.66
N GLY C 46 35.73 4.36 37.35
CA GLY C 46 34.82 3.81 38.35
C GLY C 46 33.42 3.62 37.82
N GLY C 47 32.52 3.35 38.75
CA GLY C 47 31.11 3.15 38.45
C GLY C 47 30.46 2.07 39.28
N ALA C 48 29.29 1.61 38.83
CA ALA C 48 28.51 0.57 39.48
C ALA C 48 27.61 -0.11 38.47
N SER C 49 27.22 -1.35 38.74
CA SER C 49 26.30 -2.04 37.87
C SER C 49 25.04 -2.38 38.63
N PHE C 50 23.89 -2.11 38.04
CA PHE C 50 22.58 -2.39 38.62
C PHE C 50 21.82 -3.37 37.69
N VAL C 51 22.58 -4.02 36.81
CA VAL C 51 22.16 -5.07 35.88
C VAL C 51 22.79 -6.37 36.39
N ALA C 52 21.95 -7.31 36.87
CA ALA C 52 22.38 -8.61 37.40
C ALA C 52 23.21 -9.39 36.35
N GLY C 53 24.32 -9.97 36.79
CA GLY C 53 25.21 -10.74 35.92
C GLY C 53 26.19 -9.93 35.11
N GLU C 54 25.93 -8.63 34.92
CA GLU C 54 26.84 -7.79 34.13
C GLU C 54 27.71 -6.89 35.03
N ALA C 55 28.97 -6.69 34.59
CA ALA C 55 29.94 -5.80 35.23
C ALA C 55 29.75 -4.39 34.63
N TYR C 56 30.10 -3.32 35.37
CA TYR C 56 29.92 -1.95 34.89
C TYR C 56 30.92 -1.56 33.77
N ASN C 57 32.13 -2.14 33.80
CA ASN C 57 33.20 -1.80 32.87
C ASN C 57 33.11 -2.61 31.55
N THR C 58 31.97 -3.25 31.30
CA THR C 58 31.75 -3.96 30.03
C THR C 58 30.50 -3.37 29.39
N ASP C 59 30.42 -3.38 28.06
CA ASP C 59 29.27 -2.88 27.31
C ASP C 59 28.99 -3.86 26.17
N GLY C 60 28.03 -4.74 26.41
CA GLY C 60 27.57 -5.76 25.48
C GLY C 60 26.61 -5.24 24.43
N ASN C 61 26.20 -3.95 24.54
CA ASN C 61 25.31 -3.32 23.59
C ASN C 61 26.10 -2.43 22.60
N GLY C 62 26.77 -1.39 23.12
CA GLY C 62 27.52 -0.42 22.33
C GLY C 62 27.10 1.02 22.56
N HIS C 63 25.83 1.21 22.91
CA HIS C 63 25.22 2.52 23.13
C HIS C 63 25.97 3.34 24.21
N GLY C 64 26.23 2.74 25.38
CA GLY C 64 26.95 3.37 26.49
C GLY C 64 28.35 3.83 26.15
N THR C 65 29.10 3.01 25.39
CA THR C 65 30.45 3.34 24.92
C THR C 65 30.40 4.55 23.96
N HIS C 66 29.40 4.59 23.05
CA HIS C 66 29.22 5.68 22.09
C HIS C 66 28.95 7.00 22.82
N VAL C 67 27.99 6.99 23.76
CA VAL C 67 27.58 8.13 24.56
C VAL C 67 28.78 8.65 25.38
N ALA C 68 29.52 7.73 26.03
CA ALA C 68 30.72 8.04 26.82
C ALA C 68 31.82 8.72 26.01
N GLY C 69 32.00 8.29 24.77
CA GLY C 69 33.02 8.85 23.88
C GLY C 69 32.72 10.26 23.45
N THR C 70 31.43 10.63 23.41
CA THR C 70 31.03 12.00 23.06
C THR C 70 31.38 12.93 24.23
N VAL C 71 31.23 12.41 25.48
CA VAL C 71 31.60 13.11 26.69
C VAL C 71 33.14 13.20 26.82
N ALA C 72 33.81 12.02 26.89
CA ALA C 72 35.16 11.84 27.38
C ALA C 72 36.20 11.13 26.52
N ALA C 73 35.96 10.93 25.23
CA ALA C 73 36.97 10.29 24.37
C ALA C 73 38.29 11.08 24.49
N LEU C 74 39.37 10.36 24.84
CA LEU C 74 40.69 10.93 25.15
C LEU C 74 41.30 11.79 24.03
N ASP C 75 42.01 12.86 24.44
CA ASP C 75 42.78 13.75 23.54
C ASP C 75 44.14 13.11 23.33
N ASN C 76 44.28 12.34 22.24
CA ASN C 76 45.51 11.63 21.94
C ASN C 76 45.76 11.59 20.41
N THR C 77 46.36 10.51 19.87
CA THR C 77 46.62 10.41 18.43
C THR C 77 45.80 9.26 17.81
N THR C 78 44.70 8.86 18.48
CA THR C 78 43.84 7.79 17.98
C THR C 78 42.36 8.16 18.15
N GLY C 79 41.52 7.46 17.40
CA GLY C 79 40.06 7.57 17.43
C GLY C 79 39.44 8.94 17.29
N VAL C 80 38.62 9.31 18.30
CA VAL C 80 37.89 10.57 18.30
C VAL C 80 38.30 11.51 19.46
N LEU C 81 37.51 12.58 19.72
CA LEU C 81 37.79 13.54 20.78
C LEU C 81 36.49 13.90 21.45
N GLY C 82 36.44 13.78 22.78
CA GLY C 82 35.23 14.10 23.53
C GLY C 82 35.13 15.59 23.76
N VAL C 83 33.95 16.06 24.18
CA VAL C 83 33.70 17.47 24.52
C VAL C 83 34.59 17.89 25.70
N ALA C 84 34.69 17.00 26.71
CA ALA C 84 35.47 17.17 27.95
C ALA C 84 36.43 15.97 28.11
N PRO C 85 37.55 15.91 27.35
CA PRO C 85 38.43 14.72 27.36
C PRO C 85 39.17 14.40 28.67
N SER C 86 39.26 15.35 29.61
CA SER C 86 40.00 15.11 30.85
C SER C 86 39.07 14.76 32.03
N VAL C 87 37.77 14.52 31.79
CA VAL C 87 36.85 14.18 32.88
C VAL C 87 37.17 12.84 33.55
N SER C 88 36.74 12.71 34.81
CA SER C 88 36.75 11.47 35.57
C SER C 88 35.44 10.77 35.15
N LEU C 89 35.56 9.76 34.27
CA LEU C 89 34.45 9.02 33.66
C LEU C 89 34.02 7.82 34.49
N TYR C 90 32.70 7.73 34.79
CA TYR C 90 32.10 6.65 35.60
C TYR C 90 31.00 5.97 34.83
N ALA C 91 31.07 4.63 34.75
CA ALA C 91 30.12 3.78 34.05
C ALA C 91 29.07 3.29 35.04
N VAL C 92 27.82 3.74 34.90
CA VAL C 92 26.76 3.32 35.81
C VAL C 92 25.79 2.49 34.99
N LYS C 93 25.98 1.16 34.99
CA LYS C 93 25.20 0.24 34.17
C LYS C 93 23.77 0.09 34.74
N VAL C 94 22.81 0.66 34.01
CA VAL C 94 21.39 0.65 34.37
C VAL C 94 20.55 -0.03 33.27
N LEU C 95 21.13 -0.10 32.06
CA LEU C 95 20.50 -0.73 30.90
C LEU C 95 21.25 -2.01 30.63
N ASN C 96 20.54 -3.09 30.29
CA ASN C 96 21.26 -4.33 30.03
C ASN C 96 21.86 -4.37 28.62
N SER C 97 22.47 -5.50 28.27
CA SER C 97 23.09 -5.85 27.01
C SER C 97 22.16 -5.64 25.79
N SER C 98 20.84 -5.69 26.01
CA SER C 98 19.86 -5.55 24.92
C SER C 98 19.28 -4.14 24.84
N GLY C 99 19.76 -3.24 25.70
CA GLY C 99 19.32 -1.86 25.78
C GLY C 99 18.22 -1.62 26.80
N SER C 100 17.55 -2.69 27.25
CA SER C 100 16.45 -2.60 28.21
C SER C 100 16.92 -2.31 29.62
N GLY C 101 16.15 -1.47 30.29
CA GLY C 101 16.36 -1.08 31.67
C GLY C 101 15.02 -0.80 32.32
N SER C 102 14.94 -0.95 33.63
CA SER C 102 13.73 -0.69 34.40
C SER C 102 13.88 0.63 35.11
N TYR C 103 12.75 1.25 35.49
CA TYR C 103 12.73 2.52 36.22
C TYR C 103 13.48 2.37 37.57
N SER C 104 13.27 1.26 38.28
CA SER C 104 13.94 0.98 39.55
C SER C 104 15.49 0.90 39.35
N GLY C 105 15.93 0.35 38.22
CA GLY C 105 17.34 0.27 37.85
C GLY C 105 17.94 1.65 37.62
N ILE C 106 17.16 2.54 36.96
CA ILE C 106 17.60 3.91 36.69
C ILE C 106 17.70 4.67 38.01
N VAL C 107 16.69 4.49 38.89
CA VAL C 107 16.65 5.11 40.22
C VAL C 107 17.92 4.71 41.00
N SER C 108 18.28 3.40 40.99
CA SER C 108 19.45 2.89 41.69
C SER C 108 20.75 3.56 41.20
N GLY C 109 20.82 3.82 39.89
CA GLY C 109 21.96 4.46 39.25
C GLY C 109 22.08 5.94 39.56
N ILE C 110 20.95 6.67 39.61
CA ILE C 110 20.89 8.10 39.93
C ILE C 110 21.30 8.30 41.38
N GLU C 111 20.78 7.44 42.31
CA GLU C 111 21.13 7.50 43.74
C GLU C 111 22.61 7.21 43.97
N TRP C 112 23.17 6.24 43.21
CA TRP C 112 24.59 5.90 43.29
C TRP C 112 25.42 7.14 42.95
N ALA C 113 25.07 7.80 41.82
CA ALA C 113 25.72 9.00 41.31
C ALA C 113 25.68 10.15 42.34
N THR C 114 24.52 10.36 42.99
CA THR C 114 24.32 11.38 44.02
C THR C 114 25.22 11.11 45.23
N THR C 115 25.23 9.85 45.73
CA THR C 115 26.00 9.50 46.92
C THR C 115 27.51 9.47 46.65
N ASN C 116 27.95 9.19 45.41
CA ASN C 116 29.35 9.06 45.07
C ASN C 116 29.98 10.34 44.49
N GLY C 117 29.35 11.49 44.75
CA GLY C 117 29.86 12.81 44.39
C GLY C 117 30.03 13.11 42.93
N MET C 118 29.14 12.59 42.09
CA MET C 118 29.20 12.92 40.65
C MET C 118 28.79 14.37 40.48
N ASP C 119 29.41 15.06 39.54
CA ASP C 119 29.08 16.45 39.24
C ASP C 119 28.02 16.55 38.18
N VAL C 120 27.98 15.56 37.26
CA VAL C 120 27.11 15.52 36.10
C VAL C 120 26.62 14.10 35.93
N ILE C 121 25.31 13.97 35.67
CA ILE C 121 24.64 12.74 35.33
C ILE C 121 24.20 12.86 33.89
N ASN C 122 24.54 11.88 33.04
CA ASN C 122 24.05 11.83 31.67
C ASN C 122 23.10 10.64 31.55
N MET C 123 21.87 10.88 31.04
CA MET C 123 20.89 9.80 30.84
C MET C 123 20.34 9.80 29.40
N SER C 124 21.06 9.12 28.48
CA SER C 124 20.70 8.97 27.07
C SER C 124 19.64 7.85 26.92
N LEU C 125 18.54 8.01 27.64
CA LEU C 125 17.49 7.00 27.75
C LEU C 125 16.17 7.66 28.06
N GLY C 126 15.10 6.92 27.86
CA GLY C 126 13.79 7.47 28.08
C GLY C 126 12.67 6.47 28.11
N GLY C 127 11.64 6.83 28.84
CA GLY C 127 10.41 6.08 28.98
C GLY C 127 9.25 7.02 28.79
N ALA C 128 8.06 6.47 28.53
CA ALA C 128 6.92 7.33 28.28
C ALA C 128 6.30 7.92 29.53
N SER C 129 6.28 7.23 30.66
CA SER C 129 5.54 7.81 31.77
C SER C 129 6.33 8.25 33.02
N GLY C 130 7.55 7.76 33.22
CA GLY C 130 8.30 8.09 34.42
C GLY C 130 7.76 7.36 35.65
N SER C 131 8.34 7.64 36.83
CA SER C 131 7.89 7.06 38.10
C SER C 131 8.10 8.07 39.23
N THR C 132 7.37 7.90 40.35
CA THR C 132 7.44 8.80 41.50
C THR C 132 8.84 8.67 42.14
N ALA C 133 9.38 7.43 42.17
CA ALA C 133 10.73 7.19 42.70
C ALA C 133 11.78 7.85 41.76
N MET C 134 11.54 7.86 40.43
CA MET C 134 12.40 8.51 39.44
C MET C 134 12.39 10.04 39.61
N LYS C 135 11.19 10.65 39.75
CA LYS C 135 11.06 12.11 39.97
C LYS C 135 11.87 12.49 41.23
N GLN C 136 11.64 11.77 42.31
CA GLN C 136 12.31 11.96 43.58
C GLN C 136 13.84 11.85 43.43
N ALA C 137 14.34 10.82 42.70
CA ALA C 137 15.77 10.58 42.51
C ALA C 137 16.45 11.73 41.76
N VAL C 138 15.84 12.25 40.68
CA VAL C 138 16.42 13.38 39.90
C VAL C 138 16.26 14.73 40.66
N ASP C 139 15.16 14.93 41.43
CA ASP C 139 14.98 16.14 42.21
C ASP C 139 16.05 16.21 43.29
N ASN C 140 16.32 15.08 43.95
CA ASN C 140 17.33 15.01 45.00
C ASN C 140 18.73 15.21 44.42
N ALA C 141 19.06 14.60 43.28
CA ALA C 141 20.37 14.77 42.64
C ALA C 141 20.63 16.25 42.34
N TYR C 142 19.68 16.93 41.67
CA TYR C 142 19.76 18.36 41.33
C TYR C 142 19.80 19.25 42.62
N ALA C 143 18.98 18.95 43.64
CA ALA C 143 19.00 19.71 44.89
C ALA C 143 20.36 19.60 45.60
N ARG C 144 21.05 18.46 45.42
CA ARG C 144 22.34 18.14 46.04
C ARG C 144 23.52 18.53 45.13
N GLY C 145 23.26 19.34 44.12
CA GLY C 145 24.28 19.92 43.24
C GLY C 145 24.75 19.15 42.03
N VAL C 146 23.99 18.12 41.60
CA VAL C 146 24.37 17.39 40.38
C VAL C 146 23.68 18.04 39.16
N VAL C 147 24.44 18.29 38.07
CA VAL C 147 23.86 18.74 36.79
C VAL C 147 23.28 17.46 36.16
N VAL C 148 21.97 17.38 36.00
CA VAL C 148 21.27 16.19 35.48
C VAL C 148 20.80 16.50 34.07
N VAL C 149 21.33 15.73 33.10
CA VAL C 149 21.10 15.87 31.68
C VAL C 149 20.46 14.59 31.10
N ALA C 150 19.49 14.77 30.16
CA ALA C 150 18.87 13.62 29.49
C ALA C 150 18.45 13.94 28.07
N ALA C 151 18.45 12.89 27.23
CA ALA C 151 17.94 12.90 25.86
C ALA C 151 16.45 13.28 25.91
N ALA C 152 16.01 14.28 25.13
CA ALA C 152 14.60 14.71 25.17
C ALA C 152 13.62 13.62 24.68
N GLY C 153 14.09 12.73 23.82
CA GLY C 153 13.29 11.67 23.20
C GLY C 153 13.37 11.76 21.69
N ASN C 154 12.99 10.67 21.02
CA ASN C 154 13.04 10.57 19.57
C ASN C 154 11.66 10.31 18.98
N SER C 155 10.63 10.93 19.56
CA SER C 155 9.24 10.73 19.18
C SER C 155 8.75 11.74 18.14
N GLY C 156 9.63 12.63 17.66
CA GLY C 156 9.29 13.63 16.66
C GLY C 156 8.20 14.61 17.06
N SER C 157 7.51 15.17 16.05
CA SER C 157 6.43 16.14 16.24
C SER C 157 5.16 15.68 15.54
N SER C 158 4.01 16.06 16.10
CA SER C 158 2.68 15.81 15.57
C SER C 158 1.80 16.96 16.01
N GLY C 159 1.63 17.96 15.15
CA GLY C 159 0.86 19.15 15.48
C GLY C 159 1.49 19.86 16.68
N ASN C 160 0.74 20.04 17.76
CA ASN C 160 1.22 20.70 18.96
C ASN C 160 1.41 19.72 20.11
N THR C 161 1.37 18.40 19.81
CA THR C 161 1.54 17.35 20.82
C THR C 161 2.94 17.46 21.45
N ASN C 162 2.99 17.35 22.79
CA ASN C 162 4.22 17.35 23.56
C ASN C 162 4.72 15.90 23.55
N THR C 163 5.90 15.66 22.98
CA THR C 163 6.43 14.29 22.83
C THR C 163 7.70 14.05 23.68
N ILE C 164 7.94 14.90 24.70
CA ILE C 164 9.12 14.75 25.55
C ILE C 164 8.89 13.63 26.54
N GLY C 165 9.89 12.75 26.66
CA GLY C 165 9.83 11.61 27.56
C GLY C 165 10.45 11.89 28.91
N TYR C 166 10.42 10.87 29.75
CA TYR C 166 10.98 10.88 31.11
C TYR C 166 12.30 10.10 31.10
N PRO C 167 13.36 10.53 31.85
CA PRO C 167 13.43 11.63 32.82
C PRO C 167 13.58 13.06 32.27
N ALA C 168 13.81 13.25 30.97
CA ALA C 168 13.99 14.59 30.41
C ALA C 168 12.86 15.61 30.78
N LYS C 169 11.59 15.15 30.88
CA LYS C 169 10.41 16.01 31.15
C LYS C 169 10.39 16.61 32.56
N TYR C 170 11.09 16.00 33.52
CA TYR C 170 11.17 16.53 34.89
C TYR C 170 11.94 17.85 34.89
N ASP C 171 11.46 18.82 35.68
CA ASP C 171 12.05 20.17 35.80
C ASP C 171 13.50 20.18 36.31
N SER C 172 13.91 19.16 37.03
CA SER C 172 15.27 19.07 37.57
C SER C 172 16.26 18.48 36.55
N VAL C 173 15.76 18.13 35.33
CA VAL C 173 16.58 17.51 34.29
C VAL C 173 16.65 18.44 33.07
N ILE C 174 17.82 18.50 32.40
CA ILE C 174 17.97 19.26 31.16
C ILE C 174 17.54 18.33 30.02
N ALA C 175 16.41 18.67 29.36
CA ALA C 175 15.89 17.94 28.19
C ALA C 175 16.65 18.41 26.96
N VAL C 176 17.46 17.52 26.33
CA VAL C 176 18.28 17.91 25.17
C VAL C 176 17.74 17.31 23.87
N GLY C 177 17.50 18.19 22.91
CA GLY C 177 17.04 17.84 21.57
C GLY C 177 18.21 17.70 20.61
N ALA C 178 17.93 17.20 19.39
CA ALA C 178 18.99 16.95 18.42
C ALA C 178 18.91 17.84 17.19
N VAL C 179 20.06 18.41 16.83
CA VAL C 179 20.28 19.20 15.60
C VAL C 179 21.34 18.44 14.75
N ASP C 180 21.52 18.83 13.49
CA ASP C 180 22.52 18.23 12.59
C ASP C 180 23.70 19.19 12.38
N SER C 181 24.63 18.87 11.46
CA SER C 181 25.81 19.70 11.20
C SER C 181 25.45 21.12 10.67
N ASN C 182 24.21 21.30 10.19
CA ASN C 182 23.71 22.58 9.70
C ASN C 182 22.89 23.31 10.77
N SER C 183 22.90 22.78 12.02
CA SER C 183 22.16 23.32 13.18
C SER C 183 20.64 23.28 12.91
N ASN C 184 20.21 22.33 12.06
CA ASN C 184 18.79 22.13 11.79
C ASN C 184 18.28 21.00 12.65
N ARG C 185 17.07 21.19 13.22
CA ARG C 185 16.43 20.18 14.06
C ARG C 185 16.29 18.87 13.32
N ALA C 186 16.73 17.77 13.92
CA ALA C 186 16.52 16.42 13.41
C ALA C 186 15.03 16.10 13.52
N SER C 187 14.41 15.56 12.47
CA SER C 187 12.97 15.28 12.40
C SER C 187 12.48 14.42 13.57
N PHE C 188 13.32 13.47 14.03
CA PHE C 188 12.97 12.60 15.16
C PHE C 188 13.03 13.32 16.53
N SER C 189 13.70 14.48 16.64
CA SER C 189 13.86 15.15 17.94
C SER C 189 12.49 15.49 18.59
N SER C 190 12.27 15.00 19.83
CA SER C 190 11.04 15.27 20.59
C SER C 190 10.84 16.79 20.83
N VAL C 191 9.58 17.18 20.98
CA VAL C 191 9.16 18.58 21.08
C VAL C 191 8.26 18.79 22.29
N GLY C 192 8.18 20.02 22.75
CA GLY C 192 7.33 20.38 23.89
C GLY C 192 7.87 21.50 24.72
N ALA C 193 7.07 21.98 25.69
CA ALA C 193 7.43 23.08 26.59
C ALA C 193 8.69 22.82 27.46
N GLU C 194 9.01 21.54 27.73
CA GLU C 194 10.17 21.17 28.58
C GLU C 194 11.51 21.12 27.80
N LEU C 195 11.44 21.17 26.46
CA LEU C 195 12.64 21.16 25.63
C LEU C 195 13.48 22.35 26.04
N GLU C 196 14.73 22.09 26.47
CA GLU C 196 15.55 23.13 27.06
C GLU C 196 16.64 23.67 26.12
N VAL C 197 17.47 22.78 25.57
CA VAL C 197 18.58 23.12 24.67
C VAL C 197 18.69 22.04 23.61
N MET C 198 19.43 22.33 22.54
CA MET C 198 19.75 21.41 21.45
C MET C 198 21.25 21.17 21.42
N ALA C 199 21.66 20.03 20.85
CA ALA C 199 23.07 19.69 20.69
C ALA C 199 23.18 18.71 19.52
N PRO C 200 24.38 18.51 18.92
CA PRO C 200 24.46 17.59 17.76
C PRO C 200 23.98 16.18 18.09
N GLY C 201 23.04 15.67 17.29
CA GLY C 201 22.46 14.34 17.47
C GLY C 201 22.24 13.53 16.20
N ALA C 202 22.68 14.06 15.04
CA ALA C 202 22.58 13.39 13.75
C ALA C 202 23.98 13.15 13.21
N GLY C 203 24.27 11.92 12.80
CA GLY C 203 25.56 11.53 12.26
C GLY C 203 26.68 11.75 13.25
N VAL C 204 26.46 11.33 14.50
CA VAL C 204 27.44 11.54 15.55
C VAL C 204 28.40 10.34 15.59
N TYR C 205 29.66 10.62 15.22
CA TYR C 205 30.76 9.66 15.21
C TYR C 205 31.40 9.62 16.59
N SER C 206 31.50 8.42 17.19
CA SER C 206 32.07 8.25 18.53
C SER C 206 32.61 6.82 18.72
N THR C 207 33.16 6.52 19.92
CA THR C 207 33.73 5.22 20.30
C THR C 207 32.64 4.15 20.25
N TYR C 208 33.03 2.89 20.02
CA TYR C 208 32.08 1.78 19.94
C TYR C 208 32.82 0.47 20.22
N PRO C 209 32.20 -0.53 20.93
CA PRO C 209 32.90 -1.80 21.15
C PRO C 209 32.98 -2.65 19.88
N THR C 210 34.02 -3.48 19.69
CA THR C 210 35.18 -3.65 20.56
C THR C 210 36.33 -2.86 19.94
N ASN C 211 36.86 -1.87 20.68
CA ASN C 211 37.97 -1.01 20.28
C ASN C 211 37.73 -0.37 18.90
N THR C 212 36.50 0.09 18.62
CA THR C 212 36.22 0.66 17.31
C THR C 212 35.37 1.96 17.45
N TYR C 213 34.77 2.41 16.33
CA TYR C 213 34.03 3.65 16.22
C TYR C 213 32.79 3.46 15.35
N ALA C 214 31.72 4.21 15.64
CA ALA C 214 30.45 4.15 14.91
C ALA C 214 29.77 5.50 14.87
N THR C 215 28.89 5.67 13.88
CA THR C 215 28.10 6.87 13.64
C THR C 215 26.64 6.52 14.02
N LEU C 216 26.06 7.26 14.98
CA LEU C 216 24.68 7.02 15.42
C LEU C 216 23.87 8.30 15.40
N ASN C 217 22.54 8.15 15.41
CA ASN C 217 21.58 9.26 15.45
C ASN C 217 20.71 9.13 16.67
N GLY C 218 20.36 10.27 17.27
CA GLY C 218 19.45 10.28 18.40
C GLY C 218 19.68 11.41 19.36
N THR C 219 18.67 11.64 20.25
CA THR C 219 18.82 12.64 21.32
C THR C 219 19.82 12.07 22.34
N SER C 220 20.15 10.74 22.21
CA SER C 220 21.16 10.05 23.01
C SER C 220 22.54 10.60 22.75
N MET C 221 22.80 11.02 21.49
CA MET C 221 24.06 11.57 21.00
C MET C 221 24.18 13.06 21.34
N ALA C 222 23.03 13.76 21.41
CA ALA C 222 22.89 15.18 21.74
C ALA C 222 23.16 15.40 23.23
N SER C 223 22.51 14.60 24.10
CA SER C 223 22.62 14.71 25.55
C SER C 223 24.09 14.69 26.03
N PRO C 224 24.97 13.71 25.66
CA PRO C 224 26.38 13.75 26.15
C PRO C 224 27.16 15.04 25.80
N HIS C 225 26.76 15.77 24.75
CA HIS C 225 27.42 17.04 24.38
C HIS C 225 27.18 18.08 25.48
N VAL C 226 25.94 18.11 26.03
CA VAL C 226 25.53 19.03 27.10
C VAL C 226 26.14 18.56 28.44
N ALA C 227 26.24 17.25 28.65
CA ALA C 227 26.89 16.69 29.82
C ALA C 227 28.38 17.13 29.84
N GLY C 228 29.07 16.98 28.70
CA GLY C 228 30.47 17.36 28.53
C GLY C 228 30.68 18.86 28.67
N ALA C 229 29.74 19.66 28.12
CA ALA C 229 29.74 21.12 28.20
C ALA C 229 29.63 21.56 29.65
N ALA C 230 28.79 20.86 30.47
CA ALA C 230 28.64 21.15 31.90
C ALA C 230 29.97 20.90 32.58
N ALA C 231 30.70 19.83 32.19
CA ALA C 231 32.00 19.48 32.76
C ALA C 231 33.06 20.51 32.42
N LEU C 232 33.05 21.06 31.21
CA LEU C 232 34.00 22.11 30.79
C LEU C 232 33.82 23.37 31.65
N ILE C 233 32.55 23.83 31.82
CA ILE C 233 32.20 25.00 32.62
C ILE C 233 32.74 24.81 34.03
N LEU C 234 32.41 23.66 34.68
CA LEU C 234 32.86 23.32 36.05
C LEU C 234 34.38 23.17 36.16
N SER C 235 35.08 22.76 35.07
CA SER C 235 36.55 22.68 35.15
C SER C 235 37.18 24.09 35.09
N LYS C 236 36.44 25.08 34.53
CA LYS C 236 36.91 26.46 34.42
C LYS C 236 36.45 27.27 35.62
N HIS C 237 35.19 27.07 36.05
CA HIS C 237 34.58 27.77 37.20
C HIS C 237 34.04 26.74 38.15
N PRO C 238 34.92 26.13 38.98
CA PRO C 238 34.48 25.00 39.84
C PRO C 238 33.48 25.36 40.92
N ASN C 239 33.41 26.64 41.35
CA ASN C 239 32.51 26.97 42.44
C ASN C 239 31.11 27.42 41.95
N LEU C 240 30.79 27.23 40.69
CA LEU C 240 29.42 27.51 40.24
C LEU C 240 28.51 26.38 40.67
N SER C 241 27.27 26.71 41.01
CA SER C 241 26.28 25.70 41.41
C SER C 241 25.72 25.02 40.16
N ALA C 242 25.10 23.84 40.34
CA ALA C 242 24.45 23.07 39.25
C ALA C 242 23.44 23.95 38.49
N SER C 243 22.62 24.76 39.20
CA SER C 243 21.63 25.65 38.54
C SER C 243 22.32 26.77 37.81
N GLN C 244 23.49 27.22 38.29
CA GLN C 244 24.22 28.26 37.58
C GLN C 244 24.80 27.72 36.27
N VAL C 245 25.35 26.51 36.31
CA VAL C 245 25.93 25.87 35.13
C VAL C 245 24.80 25.66 34.10
N ARG C 246 23.65 25.12 34.58
CA ARG C 246 22.45 24.89 33.79
C ARG C 246 21.94 26.18 33.16
N ASN C 247 21.89 27.26 33.98
CA ASN C 247 21.40 28.54 33.48
C ASN C 247 22.36 29.14 32.46
N ARG C 248 23.70 28.96 32.62
CA ARG C 248 24.70 29.44 31.65
C ARG C 248 24.53 28.74 30.31
N LEU C 249 24.21 27.44 30.33
CA LEU C 249 24.02 26.67 29.10
C LEU C 249 22.79 27.09 28.32
N SER C 250 21.66 27.40 29.00
CA SER C 250 20.48 27.83 28.26
C SER C 250 20.52 29.32 27.89
N SER C 251 21.05 30.21 28.78
CA SER C 251 21.17 31.68 28.55
C SER C 251 22.04 32.07 27.37
N THR C 252 23.06 31.27 27.04
CA THR C 252 24.03 31.63 26.00
C THR C 252 23.86 30.80 24.72
N ALA C 253 22.84 29.91 24.69
CA ALA C 253 22.52 29.07 23.54
C ALA C 253 22.19 29.94 22.29
N THR C 254 22.56 29.46 21.10
CA THR C 254 22.32 30.14 19.83
C THR C 254 20.86 29.95 19.43
N TYR C 255 20.07 31.04 19.37
CA TYR C 255 18.65 30.98 19.01
C TYR C 255 18.52 30.36 17.60
N LEU C 256 17.70 29.31 17.46
CA LEU C 256 17.51 28.63 16.17
C LEU C 256 16.07 28.65 15.67
N GLY C 257 15.14 29.06 16.52
CA GLY C 257 13.72 29.13 16.21
C GLY C 257 12.88 28.92 17.44
N SER C 258 11.59 28.61 17.24
CA SER C 258 10.59 28.42 18.29
C SER C 258 11.06 27.45 19.32
N SER C 259 10.91 27.82 20.62
CA SER C 259 11.30 27.00 21.76
C SER C 259 10.61 25.65 21.80
N PHE C 260 9.40 25.52 21.25
CA PHE C 260 8.69 24.23 21.17
C PHE C 260 9.53 23.18 20.44
N TYR C 261 10.23 23.61 19.36
CA TYR C 261 11.09 22.77 18.53
C TYR C 261 12.57 22.80 18.89
N TYR C 262 13.07 23.92 19.42
CA TYR C 262 14.51 24.06 19.68
C TYR C 262 14.92 24.41 21.12
N GLY C 263 13.97 24.61 22.02
CA GLY C 263 14.32 25.05 23.38
C GLY C 263 14.96 26.44 23.26
N LYS C 264 16.01 26.69 24.02
CA LYS C 264 16.71 27.99 23.97
C LYS C 264 17.62 28.06 22.75
N GLY C 265 17.92 26.89 22.20
CA GLY C 265 18.75 26.79 21.01
C GLY C 265 19.93 25.86 21.17
N LEU C 266 20.88 25.94 20.22
CA LEU C 266 22.09 25.13 20.22
C LEU C 266 23.06 25.65 21.27
N ILE C 267 23.52 24.77 22.18
CA ILE C 267 24.48 25.19 23.22
C ILE C 267 25.76 25.75 22.60
N ASN C 268 26.31 26.75 23.28
CA ASN C 268 27.57 27.42 22.95
C ASN C 268 28.39 27.43 24.24
N VAL C 269 29.23 26.41 24.43
CA VAL C 269 30.01 26.23 25.65
C VAL C 269 31.10 27.34 25.78
N GLU C 270 31.55 27.94 24.65
CA GLU C 270 32.49 29.06 24.70
C GLU C 270 31.84 30.24 25.43
N ALA C 271 30.60 30.59 25.05
CA ALA C 271 29.85 31.66 25.69
C ALA C 271 29.38 31.23 27.12
N ALA C 272 28.96 29.97 27.29
CA ALA C 272 28.50 29.48 28.58
C ALA C 272 29.62 29.45 29.63
N ALA C 273 30.87 29.12 29.21
CA ALA C 273 32.02 29.05 30.10
C ALA C 273 32.79 30.38 30.20
N GLN C 274 32.24 31.51 29.70
CA GLN C 274 32.98 32.78 29.73
C GLN C 274 33.29 33.27 31.17
N GLY D 5 -15.79 -12.92 12.63
CA GLY D 5 -15.52 -13.14 11.21
C GLY D 5 -14.14 -13.75 10.96
N PRO D 6 -13.91 -14.39 9.80
CA PRO D 6 -12.58 -15.00 9.55
C PRO D 6 -11.48 -14.00 9.21
N SER D 7 -10.22 -14.37 9.56
CA SER D 7 -9.03 -13.58 9.30
C SER D 7 -7.95 -14.38 8.55
N ALA D 8 -7.23 -13.70 7.66
CA ALA D 8 -6.10 -14.23 6.88
C ALA D 8 -5.11 -13.10 6.78
N MET D 9 -4.07 -13.16 7.60
CA MET D 9 -3.15 -12.05 7.77
C MET D 9 -1.68 -12.41 7.59
N VAL D 10 -0.89 -11.37 7.24
CA VAL D 10 0.58 -11.43 7.18
C VAL D 10 1.06 -10.27 8.04
N PHE D 11 1.91 -10.59 9.03
CA PHE D 11 2.52 -9.65 9.94
C PHE D 11 3.98 -9.61 9.64
N THR D 12 4.56 -8.40 9.57
CA THR D 12 6.00 -8.26 9.32
C THR D 12 6.60 -7.24 10.28
N VAL D 13 7.92 -7.29 10.44
CA VAL D 13 8.74 -6.34 11.17
C VAL D 13 9.78 -5.89 10.13
N ILE D 14 9.84 -4.58 9.88
CA ILE D 14 10.73 -4.06 8.84
C ILE D 14 11.67 -2.99 9.41
N GLN D 15 12.87 -2.90 8.82
CA GLN D 15 13.91 -1.95 9.16
C GLN D 15 13.57 -0.63 8.47
N GLY D 16 13.20 0.38 9.23
CA GLY D 16 12.84 1.67 8.69
C GLY D 16 11.47 2.16 9.15
N SER D 17 10.94 3.17 8.43
CA SER D 17 9.71 3.87 8.78
C SER D 17 8.47 3.41 7.99
N GLY D 18 8.63 2.40 7.16
CA GLY D 18 7.50 1.87 6.40
C GLY D 18 7.56 2.19 4.92
N GLU D 19 8.78 2.40 4.40
CA GLU D 19 9.03 2.68 2.99
C GLU D 19 8.94 1.35 2.24
N PRO D 20 8.61 1.31 0.92
CA PRO D 20 8.42 0.01 0.25
C PRO D 20 9.70 -0.80 0.06
N THR D 21 10.85 -0.11 0.06
CA THR D 21 12.18 -0.67 -0.12
C THR D 21 12.80 -1.12 1.22
N ASP D 22 12.13 -0.85 2.37
CA ASP D 22 12.57 -1.25 3.71
C ASP D 22 12.78 -2.73 3.79
N THR D 23 13.88 -3.11 4.38
CA THR D 23 14.33 -4.48 4.61
C THR D 23 13.39 -5.18 5.60
N VAL D 24 12.94 -6.36 5.23
CA VAL D 24 12.09 -7.21 6.06
C VAL D 24 13.01 -7.91 7.06
N LEU D 25 12.68 -7.83 8.37
CA LEU D 25 13.44 -8.49 9.43
C LEU D 25 12.83 -9.84 9.72
N ARG D 26 11.49 -9.88 9.83
CA ARG D 26 10.75 -11.11 10.05
C ARG D 26 9.32 -10.96 9.59
N ALA D 27 8.71 -12.08 9.21
CA ALA D 27 7.35 -12.14 8.76
C ALA D 27 6.72 -13.44 9.16
N THR D 28 5.41 -13.40 9.37
CA THR D 28 4.65 -14.61 9.68
C THR D 28 3.25 -14.50 9.02
N THR D 29 2.56 -15.66 8.90
CA THR D 29 1.20 -15.78 8.41
C THR D 29 0.32 -16.28 9.55
N LEU D 30 -0.94 -15.87 9.54
CA LEU D 30 -1.94 -16.27 10.51
C LEU D 30 -3.32 -16.36 9.86
N SER D 31 -4.01 -17.45 10.13
CA SER D 31 -5.35 -17.71 9.66
C SER D 31 -6.21 -18.02 10.87
N CYS D 32 -7.37 -17.37 10.97
CA CYS D 32 -8.33 -17.55 12.09
C CYS D 32 -9.66 -17.87 11.47
N ALA D 33 -9.98 -19.14 11.36
CA ALA D 33 -11.22 -19.60 10.76
C ALA D 33 -11.80 -20.68 11.63
N TYR D 34 -12.03 -21.90 11.08
CA TYR D 34 -12.55 -23.06 11.81
C TYR D 34 -11.65 -23.33 13.03
N THR D 35 -10.33 -23.16 12.86
CA THR D 35 -9.26 -23.22 13.86
C THR D 35 -8.25 -22.11 13.58
N ALA D 36 -7.34 -21.87 14.54
CA ALA D 36 -6.23 -20.92 14.43
C ALA D 36 -5.05 -21.62 13.79
N GLU D 37 -4.67 -21.16 12.60
CA GLU D 37 -3.62 -21.74 11.78
C GLU D 37 -2.61 -20.66 11.32
N GLY D 38 -1.65 -21.09 10.53
CA GLY D 38 -0.60 -20.25 9.97
C GLY D 38 0.78 -20.65 10.40
N THR D 39 1.81 -19.93 9.90
CA THR D 39 3.19 -20.22 10.28
C THR D 39 3.51 -19.49 11.61
N HIS D 40 2.56 -18.70 12.14
CA HIS D 40 2.72 -18.04 13.45
C HIS D 40 3.01 -19.10 14.55
N PRO D 41 4.02 -18.90 15.44
CA PRO D 41 4.35 -19.94 16.43
C PRO D 41 3.28 -20.20 17.50
N ALA D 42 2.43 -19.21 17.79
CA ALA D 42 1.34 -19.39 18.76
C ALA D 42 0.06 -18.93 18.12
N PRO D 43 -0.51 -19.70 17.15
CA PRO D 43 -1.70 -19.22 16.43
C PRO D 43 -2.92 -18.93 17.28
N ARG D 44 -3.24 -19.79 18.27
CA ARG D 44 -4.42 -19.61 19.13
C ARG D 44 -4.37 -18.29 19.91
N ALA D 45 -3.21 -18.00 20.54
CA ALA D 45 -3.00 -16.78 21.31
C ALA D 45 -3.02 -15.55 20.41
N ALA D 46 -2.40 -15.64 19.22
CA ALA D 46 -2.38 -14.55 18.26
C ALA D 46 -3.82 -14.25 17.72
N CYS D 47 -4.63 -15.28 17.42
CA CYS D 47 -6.03 -15.07 16.98
C CYS D 47 -6.85 -14.45 18.06
N ASP D 48 -6.72 -14.94 19.31
CA ASP D 48 -7.44 -14.43 20.47
C ASP D 48 -7.11 -12.95 20.70
N ALA D 49 -5.81 -12.57 20.62
CA ALA D 49 -5.31 -11.20 20.78
C ALA D 49 -5.75 -10.32 19.58
N LEU D 50 -5.84 -10.92 18.39
CA LEU D 50 -6.28 -10.26 17.16
C LEU D 50 -7.77 -9.86 17.26
N ASN D 51 -8.64 -10.82 17.62
CA ASN D 51 -10.09 -10.63 17.79
C ASN D 51 -10.42 -9.68 18.90
N ALA D 52 -9.58 -9.63 19.97
CA ALA D 52 -9.73 -8.73 21.11
C ALA D 52 -9.62 -7.24 20.70
N THR D 53 -8.89 -6.93 19.58
CA THR D 53 -8.75 -5.55 19.08
C THR D 53 -10.05 -5.02 18.47
N ASP D 54 -11.03 -5.91 18.20
CA ASP D 54 -12.34 -5.57 17.62
C ASP D 54 -12.16 -4.72 16.31
N GLY D 55 -11.28 -5.19 15.44
CA GLY D 55 -10.97 -4.53 14.17
C GLY D 55 -10.07 -3.31 14.22
N GLU D 56 -9.61 -2.92 15.43
CA GLU D 56 -8.77 -1.74 15.63
C GLU D 56 -7.37 -2.15 16.09
N LEU D 57 -6.45 -2.34 15.13
CA LEU D 57 -5.09 -2.83 15.40
C LEU D 57 -4.25 -1.89 16.28
N ASN D 58 -4.65 -0.61 16.41
CA ASN D 58 -3.91 0.29 17.30
C ASN D 58 -4.07 -0.15 18.77
N ARG D 59 -5.05 -1.03 19.05
CA ARG D 59 -5.29 -1.59 20.39
C ARG D 59 -4.20 -2.60 20.78
N LEU D 60 -3.37 -3.03 19.79
CA LEU D 60 -2.22 -3.89 20.06
C LEU D 60 -1.14 -3.08 20.82
N LEU D 61 -1.18 -1.74 20.72
CA LEU D 61 -0.22 -0.84 21.38
C LEU D 61 -0.78 -0.22 22.68
N ALA D 62 -2.01 -0.62 23.09
CA ALA D 62 -2.74 -0.09 24.25
C ALA D 62 -2.22 -0.56 25.61
N ALA D 63 -1.41 -1.63 25.67
CA ALA D 63 -0.88 -2.13 26.96
C ALA D 63 0.67 -2.07 27.00
N PRO D 64 1.34 -0.88 26.91
CA PRO D 64 2.81 -0.87 26.97
C PRO D 64 3.31 -1.19 28.37
N ASP D 65 4.56 -1.70 28.46
CA ASP D 65 5.16 -2.02 29.74
C ASP D 65 5.41 -0.70 30.46
N PRO D 66 4.75 -0.45 31.61
CA PRO D 66 4.93 0.86 32.29
C PRO D 66 6.21 1.00 33.09
N SER D 67 7.03 -0.07 33.13
CA SER D 67 8.23 -0.06 33.97
C SER D 67 9.54 -0.08 33.18
N LEU D 68 9.48 0.02 31.85
CA LEU D 68 10.68 -0.05 31.03
C LEU D 68 11.08 1.27 30.40
N VAL D 69 12.41 1.46 30.29
CA VAL D 69 13.03 2.58 29.60
C VAL D 69 13.89 2.01 28.50
N CYS D 70 14.19 2.83 27.49
CA CYS D 70 14.97 2.42 26.33
C CYS D 70 16.06 3.45 26.04
N PRO D 71 17.19 3.06 25.37
CA PRO D 71 18.21 4.07 25.00
C PRO D 71 17.63 4.97 23.90
N MET D 72 17.95 6.27 23.93
CA MET D 72 17.36 7.19 22.98
C MET D 72 18.18 7.36 21.67
N TYR D 73 18.61 6.23 21.08
CA TYR D 73 19.24 6.24 19.77
C TYR D 73 18.08 5.98 18.79
N PHE D 74 18.08 6.68 17.64
CA PHE D 74 17.04 6.54 16.63
C PHE D 74 17.49 5.64 15.52
N ASP D 75 16.82 4.50 15.37
CA ASP D 75 17.02 3.50 14.32
C ASP D 75 15.64 2.89 14.09
N PRO D 76 14.72 3.58 13.37
CA PRO D 76 13.32 3.11 13.32
C PRO D 76 13.07 1.70 12.79
N VAL D 77 12.09 1.05 13.41
CA VAL D 77 11.59 -0.28 13.11
C VAL D 77 10.04 -0.15 13.01
N THR D 78 9.42 -0.79 12.00
CA THR D 78 7.97 -0.69 11.71
C THR D 78 7.32 -2.07 11.68
N VAL D 79 6.17 -2.19 12.34
CA VAL D 79 5.37 -3.41 12.34
C VAL D 79 4.25 -3.18 11.32
N THR D 80 3.91 -4.22 10.54
CA THR D 80 2.88 -4.16 9.51
C THR D 80 1.90 -5.31 9.70
N ALA D 81 0.66 -5.12 9.23
CA ALA D 81 -0.42 -6.09 9.25
C ALA D 81 -1.23 -5.89 7.99
N ASP D 82 -1.34 -6.92 7.17
CA ASP D 82 -2.06 -6.88 5.89
C ASP D 82 -2.83 -8.14 5.67
N GLY D 83 -4.03 -7.97 5.13
CA GLY D 83 -4.89 -9.08 4.78
C GLY D 83 -6.34 -8.83 5.11
N VAL D 84 -7.00 -9.88 5.60
CA VAL D 84 -8.40 -9.83 5.95
C VAL D 84 -8.48 -9.94 7.44
N LEU D 85 -9.09 -8.94 8.07
CA LEU D 85 -9.30 -8.92 9.51
C LEU D 85 -10.81 -8.97 9.75
N ASN D 86 -11.32 -10.09 10.28
CA ASN D 86 -12.75 -10.35 10.54
C ASN D 86 -13.62 -10.01 9.32
N GLY D 87 -13.22 -10.54 8.17
CA GLY D 87 -13.95 -10.35 6.92
C GLY D 87 -13.69 -9.04 6.19
N ARG D 88 -12.90 -8.11 6.80
CA ARG D 88 -12.60 -6.79 6.20
C ARG D 88 -11.13 -6.66 5.80
N ARG D 89 -10.87 -6.13 4.60
CA ARG D 89 -9.50 -5.87 4.12
C ARG D 89 -8.79 -4.84 5.03
N VAL D 90 -7.52 -5.09 5.39
CA VAL D 90 -6.73 -4.17 6.21
C VAL D 90 -5.31 -4.04 5.67
N ALA D 91 -4.75 -2.86 5.83
CA ALA D 91 -3.37 -2.49 5.55
C ALA D 91 -2.97 -1.51 6.66
N TRP D 92 -2.30 -2.05 7.70
CA TRP D 92 -1.93 -1.28 8.89
C TRP D 92 -0.43 -1.32 9.12
N LYS D 93 0.09 -0.25 9.71
CA LYS D 93 1.51 -0.17 10.07
C LYS D 93 1.70 0.71 11.30
N HIS D 94 2.79 0.51 12.01
CA HIS D 94 3.17 1.34 13.13
C HIS D 94 4.70 1.39 13.29
N THR D 95 5.27 2.61 13.35
CA THR D 95 6.71 2.81 13.52
C THR D 95 7.05 3.11 14.97
N PHE D 96 8.18 2.54 15.43
CA PHE D 96 8.79 2.72 16.74
C PHE D 96 10.22 3.35 16.55
N SER D 97 10.72 4.19 17.47
CA SER D 97 12.03 4.87 17.31
C SER D 97 13.25 3.89 17.24
N ASN D 98 13.10 2.68 17.81
CA ASN D 98 14.09 1.59 17.82
C ASN D 98 13.40 0.26 18.25
N THR D 99 14.12 -0.88 18.17
CA THR D 99 13.55 -2.19 18.52
C THR D 99 13.25 -2.30 20.02
N CYS D 100 14.02 -1.61 20.90
CA CYS D 100 13.76 -1.60 22.33
C CYS D 100 12.36 -1.03 22.60
N VAL D 101 12.03 0.12 21.97
CA VAL D 101 10.76 0.82 22.14
C VAL D 101 9.61 -0.05 21.58
N MET D 102 9.86 -0.73 20.45
CA MET D 102 8.88 -1.65 19.89
C MET D 102 8.51 -2.72 20.89
N SER D 103 9.53 -3.43 21.39
CA SER D 103 9.42 -4.51 22.35
C SER D 103 8.66 -4.08 23.63
N ALA D 104 8.99 -2.89 24.17
CA ALA D 104 8.37 -2.34 25.38
C ALA D 104 6.90 -1.94 25.15
N ASN D 105 6.61 -1.29 24.01
CA ASN D 105 5.27 -0.86 23.66
C ASN D 105 4.34 -2.07 23.35
N LEU D 106 4.84 -3.08 22.62
CA LEU D 106 4.03 -4.25 22.29
C LEU D 106 3.87 -5.17 23.50
N ASN D 107 4.84 -5.15 24.44
CA ASN D 107 4.82 -5.85 25.74
C ASN D 107 4.32 -7.31 25.63
N SER D 108 5.08 -8.12 24.86
CA SER D 108 4.86 -9.55 24.64
C SER D 108 3.47 -9.90 24.03
N ASN D 109 2.81 -8.92 23.34
CA ASN D 109 1.52 -9.16 22.68
C ASN D 109 1.68 -10.37 21.73
N PRO D 110 0.79 -11.39 21.84
CA PRO D 110 0.94 -12.60 21.02
C PRO D 110 1.01 -12.37 19.50
N VAL D 111 0.41 -11.29 18.98
CA VAL D 111 0.40 -11.05 17.53
C VAL D 111 1.84 -10.90 16.99
N TYR D 112 2.70 -10.15 17.71
CA TYR D 112 4.08 -9.95 17.24
C TYR D 112 5.10 -10.82 18.00
N ALA D 113 4.65 -11.96 18.54
CA ALA D 113 5.53 -12.92 19.22
C ALA D 113 5.93 -13.99 18.19
N PHE D 114 6.76 -13.58 17.21
CA PHE D 114 7.25 -14.46 16.13
C PHE D 114 8.69 -14.08 15.73
#